data_2HUU
#
_entry.id   2HUU
#
_cell.length_a   137.116
_cell.length_b   137.116
_cell.length_c   120.300
_cell.angle_alpha   90.00
_cell.angle_beta   90.00
_cell.angle_gamma   120.00
#
_symmetry.space_group_name_H-M   'H 3'
#
loop_
_entity.id
_entity.type
_entity.pdbx_description
1 polymer 'Alanine glyoxylate aminotransferase'
2 non-polymer ALANINE
3 non-polymer 1-BUTANOL
4 water water
#
_entity_poly.entity_id   1
_entity_poly.type   'polypeptide(L)'
_entity_poly.pdbx_seq_one_letter_code
;MEYKVTPPAVLREPLVTPNKLLMGPGPSNAPQRVLDAMSRPILGHLHPETLKIMDDIKEGVRYLFQTNNIATFCLSASGH
GGMEATLCNLLEDGDVILIGHTGHWGDRSADMATRYGADVRVVKSKVGQSLSLDEIRDALLIHKPSVLFLTQGDSSTGVL
QGLEGVGALCHQHNCLLIVDTVASLGGAPMFMDRWEIDAMYTGSQ(LLP)VLGAPPGITPVSFSHRAVERYKRRNTKVKV
YYWDMSLVGDYWGCFGRPRIYHHTISSTLLYGLREAIAMACEEGLPALIARHEDCAKRLYRGLQDAGFELYADPKDRLST
VTTIKVPQGVDWLKAAQYAMKTYLVEISGGLGPTAGQVFRIGLMGQNATTERVDRVLQVFQEAVAAVKPDVQVKGKM
;
_entity_poly.pdbx_strand_id   A,B
#
# COMPACT_ATOMS: atom_id res chain seq x y z
N MET A 1 -20.68 13.20 -23.15
CA MET A 1 -22.14 12.92 -23.41
C MET A 1 -22.46 11.46 -23.82
N GLU A 2 -21.50 10.79 -24.48
CA GLU A 2 -21.63 9.37 -24.88
C GLU A 2 -20.73 8.50 -24.03
N TYR A 3 -21.34 7.51 -23.39
CA TYR A 3 -20.64 6.57 -22.51
C TYR A 3 -20.52 5.20 -23.17
N LYS A 4 -19.42 4.97 -23.87
CA LYS A 4 -19.20 3.71 -24.60
C LYS A 4 -19.13 2.49 -23.67
N VAL A 5 -18.74 2.73 -22.41
CA VAL A 5 -18.65 1.70 -21.39
C VAL A 5 -19.84 1.94 -20.46
N THR A 6 -20.56 0.86 -20.19
CA THR A 6 -21.85 0.89 -19.49
C THR A 6 -21.64 0.33 -18.07
N PRO A 7 -22.48 0.75 -17.09
CA PRO A 7 -22.35 0.28 -15.70
C PRO A 7 -22.33 -1.24 -15.66
N PRO A 8 -21.28 -1.85 -15.06
CA PRO A 8 -21.18 -3.33 -15.11
C PRO A 8 -22.29 -4.08 -14.37
N ALA A 9 -22.88 -5.08 -15.02
CA ALA A 9 -23.98 -5.87 -14.41
C ALA A 9 -23.46 -6.62 -13.18
N VAL A 10 -22.22 -7.06 -13.29
CA VAL A 10 -21.52 -7.80 -12.25
C VAL A 10 -21.54 -7.12 -10.87
N LEU A 11 -21.49 -5.80 -10.86
CA LEU A 11 -21.43 -5.05 -9.60
C LEU A 11 -22.80 -4.88 -8.95
N ARG A 12 -23.84 -5.29 -9.67
CA ARG A 12 -25.21 -5.35 -9.15
C ARG A 12 -25.47 -6.58 -8.29
N GLU A 13 -24.60 -7.57 -8.38
CA GLU A 13 -24.64 -8.77 -7.55
C GLU A 13 -24.04 -8.53 -6.17
N PRO A 14 -24.45 -9.34 -5.16
CA PRO A 14 -23.92 -9.24 -3.81
C PRO A 14 -22.43 -9.50 -3.86
N LEU A 15 -21.68 -8.80 -3.02
CA LEU A 15 -20.27 -9.10 -2.82
C LEU A 15 -20.25 -10.44 -2.06
N VAL A 16 -19.44 -11.41 -2.51
CA VAL A 16 -19.33 -12.64 -1.72
C VAL A 16 -17.94 -13.01 -1.20
N THR A 17 -17.89 -13.25 0.11
CA THR A 17 -16.67 -13.51 0.80
C THR A 17 -16.89 -14.66 1.80
N PRO A 18 -16.69 -15.92 1.34
CA PRO A 18 -16.84 -17.13 2.17
C PRO A 18 -15.89 -17.09 3.37
N ASN A 19 -16.35 -17.56 4.54
CA ASN A 19 -15.50 -17.59 5.75
C ASN A 19 -14.72 -18.90 5.80
N LYS A 20 -13.45 -18.84 5.44
CA LYS A 20 -12.59 -20.03 5.30
C LYS A 20 -11.61 -20.15 6.45
N LEU A 21 -11.12 -21.37 6.69
CA LEU A 21 -9.99 -21.57 7.55
C LEU A 21 -8.68 -21.50 6.75
N LEU A 22 -7.95 -20.39 6.93
CA LEU A 22 -6.75 -20.11 6.14
C LEU A 22 -5.50 -20.74 6.76
N MET A 23 -5.31 -22.03 6.49
CA MET A 23 -4.18 -22.76 7.09
C MET A 23 -3.03 -22.89 6.12
N GLY A 24 -3.01 -22.02 5.07
CA GLY A 24 -1.84 -21.84 4.24
C GLY A 24 -0.82 -20.89 4.90
N PRO A 25 0.21 -20.46 4.17
CA PRO A 25 1.21 -19.61 4.84
C PRO A 25 0.89 -18.12 4.96
N GLY A 26 -0.39 -17.75 4.83
CA GLY A 26 -0.83 -16.36 4.98
C GLY A 26 -1.71 -15.94 3.81
N PRO A 27 -2.68 -15.07 4.06
CA PRO A 27 -3.04 -14.45 5.37
C PRO A 27 -3.65 -15.46 6.32
N SER A 28 -3.60 -15.16 7.63
CA SER A 28 -4.29 -15.97 8.62
C SER A 28 -5.63 -15.34 8.99
N ASN A 29 -6.47 -16.12 9.66
CA ASN A 29 -7.80 -15.66 10.00
C ASN A 29 -7.66 -14.49 10.97
N ALA A 30 -8.35 -13.41 10.67
CA ALA A 30 -8.36 -12.22 11.53
C ALA A 30 -9.19 -12.48 12.78
N PRO A 31 -8.70 -12.02 13.97
CA PRO A 31 -9.60 -12.03 15.17
C PRO A 31 -10.86 -11.18 14.92
N GLN A 32 -11.97 -11.55 15.56
CA GLN A 32 -13.20 -10.80 15.37
C GLN A 32 -12.99 -9.33 15.76
N ARG A 33 -12.16 -9.08 16.77
CA ARG A 33 -11.86 -7.74 17.23
C ARG A 33 -11.21 -6.89 16.13
N VAL A 34 -10.29 -7.49 15.35
CA VAL A 34 -9.75 -6.75 14.21
C VAL A 34 -10.75 -6.51 13.09
N LEU A 35 -11.54 -7.51 12.70
CA LEU A 35 -12.62 -7.29 11.73
C LEU A 35 -13.60 -6.19 12.20
N ASP A 36 -14.02 -6.25 13.47
CA ASP A 36 -14.91 -5.23 14.00
C ASP A 36 -14.31 -3.80 13.85
N ALA A 37 -13.05 -3.65 14.21
CA ALA A 37 -12.39 -2.34 14.20
C ALA A 37 -12.30 -1.72 12.80
N MET A 38 -12.39 -2.55 11.76
CA MET A 38 -12.29 -2.08 10.38
C MET A 38 -13.56 -1.52 9.79
N SER A 39 -14.64 -1.53 10.58
CA SER A 39 -15.88 -0.79 10.26
C SER A 39 -15.91 0.60 10.89
N ARG A 40 -14.89 0.94 11.64
CA ARG A 40 -14.83 2.27 12.26
C ARG A 40 -14.72 3.34 11.17
N PRO A 41 -15.25 4.55 11.46
CA PRO A 41 -15.23 5.60 10.45
C PRO A 41 -13.78 6.03 10.11
N ILE A 42 -13.62 6.52 8.89
CA ILE A 42 -12.35 7.02 8.38
C ILE A 42 -11.99 8.30 9.13
N LEU A 43 -10.69 8.50 9.29
CA LEU A 43 -10.18 9.70 9.90
C LEU A 43 -9.22 10.36 8.92
N GLY A 44 -8.97 11.65 9.11
CA GLY A 44 -7.97 12.40 8.35
C GLY A 44 -6.59 11.85 8.68
N HIS A 45 -5.74 11.85 7.66
CA HIS A 45 -4.42 11.26 7.74
C HIS A 45 -3.49 12.04 8.63
N LEU A 46 -3.82 13.28 8.93
CA LEU A 46 -2.99 14.07 9.82
C LEU A 46 -3.77 14.55 11.09
N HIS A 47 -4.96 14.00 11.31
CA HIS A 47 -5.72 14.26 12.53
C HIS A 47 -5.02 13.75 13.78
N PRO A 48 -5.19 14.43 14.95
CA PRO A 48 -4.48 14.00 16.15
C PRO A 48 -4.89 12.58 16.48
N GLU A 49 -6.14 12.20 16.28
CA GLU A 49 -6.53 10.82 16.62
C GLU A 49 -5.86 9.75 15.74
N THR A 50 -5.58 10.09 14.49
CA THR A 50 -4.79 9.23 13.60
C THR A 50 -3.34 9.16 14.04
N LEU A 51 -2.72 10.31 14.35
CA LEU A 51 -1.32 10.31 14.80
C LEU A 51 -1.14 9.53 16.12
N LYS A 52 -2.18 9.52 16.94
CA LYS A 52 -2.14 8.82 18.21
C LYS A 52 -2.10 7.33 17.99
N ILE A 53 -2.91 6.87 17.06
CA ILE A 53 -2.95 5.47 16.66
C ILE A 53 -1.60 5.04 16.10
N MET A 54 -1.02 5.87 15.23
CA MET A 54 0.34 5.64 14.72
C MET A 54 1.35 5.59 15.85
N ASP A 55 1.25 6.54 16.78
CA ASP A 55 2.19 6.56 17.93
C ASP A 55 2.09 5.25 18.75
N ASP A 56 0.86 4.80 18.97
CA ASP A 56 0.62 3.56 19.70
C ASP A 56 1.12 2.33 18.94
N ILE A 57 0.85 2.30 17.64
CA ILE A 57 1.45 1.23 16.80
C ILE A 57 2.98 1.19 16.95
N LYS A 58 3.64 2.36 16.93
CA LYS A 58 5.12 2.39 17.03
C LYS A 58 5.59 1.75 18.32
N GLU A 59 4.88 2.04 19.42
CA GLU A 59 5.23 1.43 20.69
C GLU A 59 5.05 -0.08 20.63
N GLY A 60 3.94 -0.53 20.07
CA GLY A 60 3.73 -1.97 19.93
C GLY A 60 4.74 -2.66 19.01
N VAL A 61 5.16 -2.00 17.93
CA VAL A 61 6.20 -2.65 17.12
C VAL A 61 7.56 -2.70 17.76
N ARG A 62 7.93 -1.64 18.50
CA ARG A 62 9.18 -1.65 19.27
C ARG A 62 9.16 -2.80 20.26
N TYR A 63 7.99 -3.06 20.86
CA TYR A 63 7.86 -4.22 21.76
C TYR A 63 8.11 -5.56 21.06
N LEU A 64 7.41 -5.75 19.95
CA LEU A 64 7.39 -7.01 19.18
C LEU A 64 8.74 -7.32 18.56
N PHE A 65 9.36 -6.27 18.05
CA PHE A 65 10.71 -6.32 17.46
C PHE A 65 11.78 -6.45 18.54
N GLN A 66 11.49 -5.99 19.77
CA GLN A 66 12.52 -5.71 20.81
C GLN A 66 13.60 -4.71 20.34
N THR A 67 13.15 -3.50 20.06
CA THR A 67 14.03 -2.41 19.68
C THR A 67 13.59 -1.12 20.34
N ASN A 68 14.57 -0.24 20.60
CA ASN A 68 14.28 1.15 20.95
C ASN A 68 14.50 2.13 19.79
N ASN A 69 14.70 1.62 18.57
CA ASN A 69 15.02 2.52 17.45
C ASN A 69 13.99 3.63 17.31
N ILE A 70 14.47 4.87 17.17
CA ILE A 70 13.58 5.98 16.90
C ILE A 70 12.95 5.87 15.50
N ALA A 71 13.69 5.31 14.54
CA ALA A 71 13.25 5.17 13.15
C ALA A 71 12.45 3.88 13.00
N THR A 72 11.30 3.80 13.70
CA THR A 72 10.34 2.67 13.69
C THR A 72 8.98 3.18 13.20
N PHE A 73 8.39 2.54 12.19
CA PHE A 73 7.12 3.02 11.64
C PHE A 73 6.49 1.91 10.82
N CYS A 74 5.45 2.21 10.06
CA CYS A 74 4.87 1.23 9.13
C CYS A 74 4.85 1.84 7.74
N LEU A 75 4.99 0.99 6.73
CA LEU A 75 4.88 1.40 5.33
C LEU A 75 3.48 1.08 4.87
N SER A 76 2.93 1.96 4.06
CA SER A 76 1.63 1.75 3.43
C SER A 76 1.78 0.87 2.17
N ALA A 77 2.13 -0.37 2.42
CA ALA A 77 2.39 -1.35 1.38
C ALA A 77 2.33 -2.72 2.04
N SER A 78 2.17 -3.75 1.22
CA SER A 78 2.17 -5.14 1.69
C SER A 78 3.63 -5.50 2.09
N GLY A 79 3.86 -6.71 2.55
CA GLY A 79 5.18 -7.12 3.05
C GLY A 79 6.38 -6.93 2.09
N HIS A 80 6.15 -7.13 0.77
CA HIS A 80 7.16 -6.89 -0.26
C HIS A 80 7.62 -5.45 -0.18
N GLY A 81 6.70 -4.54 0.20
CA GLY A 81 7.04 -3.12 0.44
C GLY A 81 8.12 -2.89 1.51
N GLY A 82 8.15 -3.74 2.51
CA GLY A 82 9.23 -3.71 3.52
C GLY A 82 10.56 -4.05 2.87
N MET A 83 10.55 -5.09 2.06
CA MET A 83 11.76 -5.46 1.34
C MET A 83 12.19 -4.34 0.40
N GLU A 84 11.25 -3.80 -0.38
CA GLU A 84 11.53 -2.67 -1.29
C GLU A 84 12.18 -1.50 -0.56
N ALA A 85 11.55 -1.04 0.52
CA ALA A 85 11.97 0.18 1.21
C ALA A 85 13.32 0.04 1.89
N THR A 86 13.51 -1.10 2.53
CA THR A 86 14.70 -1.42 3.26
C THR A 86 15.89 -1.41 2.25
N LEU A 87 15.66 -2.00 1.06
CA LEU A 87 16.68 -2.02 -0.04
C LEU A 87 16.80 -0.68 -0.77
N CYS A 88 15.67 -0.01 -0.98
CA CYS A 88 15.66 1.27 -1.67
C CYS A 88 16.52 2.31 -0.87
N ASN A 89 16.31 2.35 0.44
CA ASN A 89 16.95 3.37 1.30
C ASN A 89 18.39 3.13 1.64
N LEU A 90 18.78 1.86 1.66
CA LEU A 90 20.12 1.50 2.12
C LEU A 90 21.13 1.14 1.02
N LEU A 91 20.70 1.24 -0.23
CA LEU A 91 21.54 0.91 -1.39
C LEU A 91 21.61 2.07 -2.37
N GLU A 92 22.82 2.33 -2.88
CA GLU A 92 23.01 3.23 -4.02
C GLU A 92 23.66 2.44 -5.16
N ASP A 93 23.65 2.98 -6.37
CA ASP A 93 24.15 2.25 -7.58
C ASP A 93 25.53 1.68 -7.31
N GLY A 94 25.71 0.39 -7.52
CA GLY A 94 27.04 -0.20 -7.35
C GLY A 94 27.36 -0.74 -5.98
N ASP A 95 26.57 -0.40 -4.94
CA ASP A 95 26.79 -1.00 -3.62
C ASP A 95 26.76 -2.52 -3.71
N VAL A 96 27.67 -3.18 -3.03
CA VAL A 96 27.70 -4.64 -3.02
C VAL A 96 26.78 -5.10 -1.92
N ILE A 97 25.78 -5.91 -2.27
CA ILE A 97 24.89 -6.50 -1.28
C ILE A 97 25.01 -8.01 -1.36
N LEU A 98 25.13 -8.65 -0.20
CA LEU A 98 25.13 -10.09 -0.19
C LEU A 98 23.76 -10.57 0.28
N ILE A 99 23.15 -11.47 -0.50
CA ILE A 99 21.88 -12.07 -0.14
C ILE A 99 22.16 -13.46 0.41
N GLY A 100 21.78 -13.69 1.67
CA GLY A 100 21.77 -15.04 2.22
C GLY A 100 20.48 -15.78 1.85
N HIS A 101 20.61 -16.68 0.87
CA HIS A 101 19.45 -17.34 0.24
C HIS A 101 19.11 -18.63 0.95
N THR A 102 17.94 -18.67 1.60
CA THR A 102 17.48 -19.89 2.25
C THR A 102 16.15 -20.36 1.62
N GLY A 103 15.82 -19.82 0.44
CA GLY A 103 14.55 -20.09 -0.25
C GLY A 103 14.15 -18.95 -1.17
N HIS A 104 12.89 -18.96 -1.62
CA HIS A 104 12.36 -17.93 -2.55
C HIS A 104 12.72 -16.48 -2.20
N TRP A 105 12.72 -16.15 -0.90
CA TRP A 105 12.87 -14.74 -0.49
C TRP A 105 14.28 -14.22 -0.83
N GLY A 106 15.21 -15.15 -0.99
CA GLY A 106 16.55 -14.82 -1.48
C GLY A 106 16.50 -14.41 -2.93
N ASP A 107 15.65 -15.08 -3.73
CA ASP A 107 15.49 -14.73 -5.14
C ASP A 107 14.78 -13.37 -5.27
N ARG A 108 13.76 -13.16 -4.45
CA ARG A 108 12.99 -11.92 -4.56
C ARG A 108 13.87 -10.70 -4.12
N SER A 109 14.60 -10.84 -3.01
CA SER A 109 15.48 -9.74 -2.56
C SER A 109 16.62 -9.48 -3.55
N ALA A 110 17.18 -10.54 -4.14
CA ALA A 110 18.18 -10.35 -5.20
C ALA A 110 17.62 -9.57 -6.40
N ASP A 111 16.36 -9.88 -6.76
CA ASP A 111 15.65 -9.23 -7.85
C ASP A 111 15.50 -7.73 -7.56
N MET A 112 14.92 -7.39 -6.41
CA MET A 112 14.73 -5.98 -6.08
C MET A 112 16.09 -5.25 -6.00
N ALA A 113 17.06 -5.86 -5.33
CA ALA A 113 18.38 -5.24 -5.21
C ALA A 113 18.98 -4.95 -6.61
N THR A 114 18.85 -5.91 -7.54
CA THR A 114 19.32 -5.65 -8.88
C THR A 114 18.55 -4.55 -9.62
N ARG A 115 17.23 -4.54 -9.51
CA ARG A 115 16.40 -3.44 -10.02
C ARG A 115 16.80 -2.05 -9.51
N TYR A 116 17.22 -1.99 -8.24
CA TYR A 116 17.68 -0.76 -7.60
C TYR A 116 19.13 -0.39 -7.95
N GLY A 117 19.81 -1.19 -8.77
CA GLY A 117 21.16 -0.84 -9.27
C GLY A 117 22.37 -1.30 -8.46
N ALA A 118 22.12 -2.20 -7.50
CA ALA A 118 23.17 -2.72 -6.65
C ALA A 118 23.91 -3.84 -7.38
N ASP A 119 25.06 -4.21 -6.81
CA ASP A 119 25.95 -5.25 -7.32
C ASP A 119 25.68 -6.44 -6.40
N VAL A 120 24.94 -7.43 -6.91
CA VAL A 120 24.26 -8.39 -6.04
C VAL A 120 25.02 -9.70 -6.04
N ARG A 121 25.32 -10.20 -4.83
CA ARG A 121 26.05 -11.43 -4.63
C ARG A 121 25.11 -12.36 -3.85
N VAL A 122 25.26 -13.67 -4.00
CA VAL A 122 24.36 -14.61 -3.35
C VAL A 122 25.15 -15.73 -2.73
N VAL A 123 24.80 -16.05 -1.49
CA VAL A 123 25.27 -17.28 -0.86
C VAL A 123 24.05 -18.09 -0.46
N LYS A 124 24.07 -19.36 -0.88
CA LYS A 124 22.90 -20.23 -0.87
C LYS A 124 23.09 -21.34 0.18
N SER A 125 22.06 -21.54 0.99
CA SER A 125 22.06 -22.61 1.97
C SER A 125 22.05 -23.97 1.28
N LYS A 126 22.39 -25.01 2.04
CA LYS A 126 22.12 -26.41 1.67
C LYS A 126 20.61 -26.58 1.64
N VAL A 127 20.13 -27.48 0.77
CA VAL A 127 18.70 -27.78 0.62
C VAL A 127 17.99 -28.09 1.96
N GLY A 128 16.92 -27.32 2.20
CA GLY A 128 16.12 -27.43 3.41
C GLY A 128 16.84 -27.11 4.72
N GLN A 129 17.94 -26.35 4.64
CA GLN A 129 18.70 -25.94 5.83
C GLN A 129 18.89 -24.44 5.86
N SER A 130 19.21 -23.94 7.03
CA SER A 130 19.60 -22.53 7.15
C SER A 130 21.10 -22.37 6.74
N LEU A 131 21.56 -21.14 6.61
CA LEU A 131 23.00 -20.87 6.49
C LEU A 131 23.71 -20.96 7.83
N SER A 132 24.88 -21.57 7.88
CA SER A 132 25.67 -21.60 9.13
C SER A 132 26.43 -20.30 9.23
N LEU A 133 26.91 -19.95 10.44
CA LEU A 133 27.69 -18.72 10.61
C LEU A 133 28.95 -18.75 9.76
N ASP A 134 29.64 -19.90 9.75
CA ASP A 134 30.82 -20.08 8.89
C ASP A 134 30.51 -19.82 7.43
N GLU A 135 29.37 -20.32 6.94
CA GLU A 135 28.97 -20.05 5.55
C GLU A 135 28.76 -18.55 5.34
N ILE A 136 28.11 -17.89 6.31
CA ILE A 136 27.98 -16.45 6.23
C ILE A 136 29.33 -15.69 6.26
N ARG A 137 30.17 -16.00 7.27
CA ARG A 137 31.53 -15.46 7.39
C ARG A 137 32.37 -15.60 6.12
N ASP A 138 32.41 -16.81 5.56
CA ASP A 138 33.16 -17.07 4.31
C ASP A 138 32.71 -16.18 3.16
N ALA A 139 31.39 -16.03 3.01
CA ALA A 139 30.80 -15.21 1.95
C ALA A 139 31.09 -13.72 2.15
N LEU A 140 30.95 -13.25 3.39
CA LEU A 140 31.32 -11.87 3.75
C LEU A 140 32.76 -11.59 3.32
N LEU A 141 33.66 -12.51 3.66
CA LEU A 141 35.08 -12.42 3.27
C LEU A 141 35.31 -12.43 1.75
N ILE A 142 34.60 -13.29 1.02
CA ILE A 142 34.69 -13.27 -0.45
C ILE A 142 34.21 -11.94 -1.08
N HIS A 143 33.02 -11.48 -0.66
CA HIS A 143 32.34 -10.37 -1.36
C HIS A 143 32.56 -8.96 -0.79
N LYS A 144 32.85 -8.88 0.51
CA LYS A 144 33.01 -7.59 1.22
C LYS A 144 31.83 -6.65 0.96
N PRO A 145 30.61 -7.14 1.26
CA PRO A 145 29.41 -6.32 1.01
C PRO A 145 29.27 -5.18 2.03
N SER A 146 28.49 -4.16 1.67
CA SER A 146 28.15 -3.13 2.62
C SER A 146 26.77 -3.43 3.19
N VAL A 147 26.05 -4.37 2.58
CA VAL A 147 24.84 -4.92 3.15
C VAL A 147 24.68 -6.42 2.98
N LEU A 148 24.16 -7.03 4.05
CA LEU A 148 23.80 -8.43 4.10
C LEU A 148 22.27 -8.50 4.31
N PHE A 149 21.58 -9.31 3.51
CA PHE A 149 20.13 -9.48 3.64
C PHE A 149 19.83 -10.94 3.96
N LEU A 150 19.18 -11.16 5.11
CA LEU A 150 18.68 -12.50 5.51
C LEU A 150 17.18 -12.52 5.74
N THR A 151 16.59 -13.69 5.56
CA THR A 151 15.18 -13.91 5.83
C THR A 151 15.09 -14.81 7.03
N GLN A 152 14.62 -14.27 8.14
CA GLN A 152 14.55 -15.07 9.35
C GLN A 152 13.69 -16.34 9.16
N GLY A 153 12.47 -16.18 8.67
CA GLY A 153 11.60 -17.33 8.40
C GLY A 153 11.29 -17.37 6.93
N ASP A 154 11.87 -18.31 6.19
CA ASP A 154 11.60 -18.35 4.78
C ASP A 154 10.39 -19.26 4.62
N SER A 155 9.29 -18.68 4.21
CA SER A 155 8.00 -19.36 4.17
C SER A 155 7.87 -20.24 2.91
N SER A 156 8.80 -20.12 1.98
CA SER A 156 8.83 -21.05 0.84
C SER A 156 9.42 -22.39 1.24
N THR A 157 10.38 -22.38 2.16
CA THR A 157 11.07 -23.63 2.52
C THR A 157 10.72 -24.11 3.94
N GLY A 158 10.02 -23.25 4.72
CA GLY A 158 9.75 -23.54 6.13
C GLY A 158 10.99 -23.57 7.02
N VAL A 159 11.97 -22.72 6.70
CA VAL A 159 13.28 -22.75 7.36
C VAL A 159 13.48 -21.47 8.21
N LEU A 160 13.90 -21.67 9.46
CA LEU A 160 14.25 -20.59 10.35
C LEU A 160 15.77 -20.41 10.31
N GLN A 161 16.22 -19.20 9.93
CA GLN A 161 17.62 -18.81 9.88
C GLN A 161 18.07 -18.26 11.24
N GLY A 162 19.11 -18.87 11.81
CA GLY A 162 19.70 -18.41 13.06
C GLY A 162 20.46 -17.11 12.86
N LEU A 163 20.31 -16.18 13.82
CA LEU A 163 20.84 -14.82 13.66
C LEU A 163 21.85 -14.38 14.74
N GLU A 164 22.04 -15.20 15.75
CA GLU A 164 22.90 -14.81 16.86
C GLU A 164 24.30 -14.72 16.38
N GLY A 165 24.91 -13.58 16.70
CA GLY A 165 26.23 -13.25 16.25
C GLY A 165 26.37 -12.77 14.83
N VAL A 166 25.30 -12.73 14.02
CA VAL A 166 25.57 -12.29 12.65
C VAL A 166 25.70 -10.79 12.42
N GLY A 167 24.90 -10.00 13.14
CA GLY A 167 24.98 -8.54 13.03
C GLY A 167 26.33 -8.04 13.55
N ALA A 168 26.79 -8.63 14.67
CA ALA A 168 28.13 -8.37 15.23
C ALA A 168 29.22 -8.66 14.18
N LEU A 169 29.14 -9.81 13.54
CA LEU A 169 30.05 -10.15 12.48
C LEU A 169 29.97 -9.15 11.29
N CYS A 170 28.75 -8.84 10.82
CA CYS A 170 28.58 -7.81 9.76
C CYS A 170 29.26 -6.50 10.12
N HIS A 171 28.99 -6.01 11.33
CA HIS A 171 29.58 -4.76 11.82
C HIS A 171 31.13 -4.77 11.96
N GLN A 172 31.73 -5.94 12.25
CA GLN A 172 33.20 -6.11 12.19
C GLN A 172 33.72 -5.82 10.79
N HIS A 173 32.87 -6.05 9.80
CA HIS A 173 33.28 -5.89 8.40
C HIS A 173 32.59 -4.74 7.66
N ASN A 174 32.22 -3.70 8.41
CA ASN A 174 31.59 -2.52 7.82
C ASN A 174 30.37 -2.82 6.95
N CYS A 175 29.52 -3.71 7.43
CA CYS A 175 28.34 -4.16 6.69
C CYS A 175 27.05 -4.01 7.55
N LEU A 176 25.98 -3.51 6.93
CA LEU A 176 24.62 -3.51 7.53
C LEU A 176 23.93 -4.85 7.39
N LEU A 177 23.07 -5.18 8.36
CA LEU A 177 22.27 -6.42 8.37
C LEU A 177 20.77 -6.06 8.23
N ILE A 178 20.12 -6.54 7.17
CA ILE A 178 18.69 -6.34 6.95
C ILE A 178 18.07 -7.69 7.17
N VAL A 179 16.94 -7.72 7.91
CA VAL A 179 16.28 -9.01 8.19
C VAL A 179 14.79 -8.97 7.93
N ASP A 180 14.32 -9.91 7.11
CA ASP A 180 12.89 -10.11 6.88
C ASP A 180 12.32 -11.02 8.00
N THR A 181 11.37 -10.51 8.79
CA THR A 181 10.65 -11.35 9.80
C THR A 181 9.14 -11.47 9.49
N VAL A 182 8.77 -11.32 8.23
CA VAL A 182 7.36 -11.35 7.85
C VAL A 182 6.68 -12.63 8.37
N ALA A 183 7.31 -13.78 8.15
CA ALA A 183 6.75 -15.07 8.53
C ALA A 183 7.16 -15.55 9.94
N SER A 184 8.24 -14.99 10.48
CA SER A 184 8.81 -15.51 11.72
C SER A 184 8.40 -14.73 12.97
N LEU A 185 8.14 -13.42 12.83
CA LEU A 185 7.90 -12.64 14.02
C LEU A 185 6.67 -13.15 14.78
N GLY A 186 6.83 -13.33 16.09
CA GLY A 186 5.75 -13.88 16.92
C GLY A 186 5.78 -15.41 16.96
N GLY A 187 6.57 -16.01 16.07
CA GLY A 187 6.65 -17.47 15.98
C GLY A 187 8.01 -18.04 16.29
N ALA A 188 8.97 -17.14 16.54
CA ALA A 188 10.36 -17.51 16.79
C ALA A 188 10.98 -16.33 17.58
N PRO A 189 11.98 -16.60 18.45
CA PRO A 189 12.64 -15.46 19.09
C PRO A 189 13.23 -14.42 18.10
N MET A 190 13.11 -13.16 18.50
CA MET A 190 13.68 -12.06 17.79
C MET A 190 13.95 -10.93 18.78
N PHE A 191 15.20 -10.48 18.79
CA PHE A 191 15.64 -9.36 19.61
C PHE A 191 16.47 -8.48 18.68
N MET A 192 15.81 -7.46 18.09
CA MET A 192 16.45 -6.69 17.02
C MET A 192 17.74 -6.03 17.50
N ASP A 193 17.70 -5.31 18.61
CA ASP A 193 18.88 -4.58 19.10
C ASP A 193 19.95 -5.53 19.68
N ARG A 194 19.52 -6.55 20.40
CA ARG A 194 20.44 -7.50 21.01
C ARG A 194 21.23 -8.24 19.91
N TRP A 195 20.53 -8.60 18.84
CA TRP A 195 21.18 -9.26 17.69
C TRP A 195 21.85 -8.32 16.69
N GLU A 196 21.85 -7.02 16.98
CA GLU A 196 22.59 -6.03 16.15
C GLU A 196 22.08 -5.99 14.68
N ILE A 197 20.75 -6.01 14.54
CA ILE A 197 20.11 -5.98 13.23
C ILE A 197 19.86 -4.52 12.90
N ASP A 198 20.20 -4.11 11.68
CA ASP A 198 20.07 -2.68 11.28
C ASP A 198 18.78 -2.29 10.59
N ALA A 199 18.11 -3.24 9.94
CA ALA A 199 16.82 -2.93 9.32
C ALA A 199 15.99 -4.19 9.37
N MET A 200 14.71 -4.03 9.65
CA MET A 200 13.87 -5.23 9.83
C MET A 200 12.45 -4.84 9.53
N TYR A 201 11.70 -5.79 8.97
CA TYR A 201 10.29 -5.57 8.80
C TYR A 201 9.51 -6.87 9.02
N THR A 202 8.21 -6.77 9.25
CA THR A 202 7.33 -7.91 9.34
C THR A 202 6.08 -7.62 8.55
N GLY A 203 5.16 -8.56 8.57
CA GLY A 203 3.93 -8.43 7.77
C GLY A 203 2.76 -8.26 8.71
N SER A 204 1.68 -7.67 8.22
CA SER A 204 0.52 -7.51 9.08
C SER A 204 -0.33 -8.80 9.14
N GLN A 205 -0.23 -9.67 8.13
CA GLN A 205 -1.25 -10.72 7.93
C GLN A 205 -0.84 -12.16 8.33
N VAL A 207 1.52 -13.98 11.61
CA VAL A 207 1.21 -14.22 13.02
C VAL A 207 0.22 -13.17 13.59
N LEU A 208 0.37 -11.89 13.21
CA LEU A 208 -0.52 -10.87 13.77
C LEU A 208 -2.00 -11.06 13.45
N GLY A 209 -2.28 -11.56 12.25
CA GLY A 209 -3.66 -11.72 11.81
C GLY A 209 -4.39 -10.41 11.54
N ALA A 210 -3.65 -9.31 11.33
CA ALA A 210 -4.28 -8.08 10.77
C ALA A 210 -4.58 -8.29 9.27
N PRO A 211 -5.32 -7.35 8.62
CA PRO A 211 -5.45 -7.41 7.17
C PRO A 211 -4.06 -7.25 6.52
N PRO A 212 -3.85 -7.84 5.35
CA PRO A 212 -2.61 -7.51 4.64
C PRO A 212 -2.59 -6.01 4.26
N GLY A 213 -1.40 -5.51 3.94
CA GLY A 213 -1.31 -4.18 3.33
C GLY A 213 -0.65 -3.05 4.09
N ILE A 214 -0.16 -3.27 5.31
CA ILE A 214 0.61 -2.19 6.03
C ILE A 214 1.76 -2.90 6.70
N THR A 215 2.97 -2.39 6.63
CA THR A 215 4.04 -3.23 7.12
C THR A 215 4.98 -2.55 8.10
N PRO A 216 5.01 -3.06 9.35
CA PRO A 216 5.96 -2.49 10.33
C PRO A 216 7.42 -2.60 9.84
N VAL A 217 8.20 -1.54 10.05
CA VAL A 217 9.64 -1.54 9.74
C VAL A 217 10.42 -0.80 10.81
N SER A 218 11.70 -1.11 10.91
CA SER A 218 12.59 -0.39 11.83
C SER A 218 14.01 -0.31 11.28
N PHE A 219 14.70 0.81 11.58
CA PHE A 219 16.06 1.07 11.14
C PHE A 219 16.89 1.53 12.34
N SER A 220 18.06 0.91 12.50
CA SER A 220 18.96 1.29 13.58
C SER A 220 19.67 2.60 13.29
N HIS A 221 20.41 3.07 14.30
CA HIS A 221 21.21 4.29 14.15
C HIS A 221 22.22 4.12 12.97
N ARG A 222 22.87 2.97 12.88
CA ARG A 222 23.80 2.73 11.75
C ARG A 222 23.11 2.83 10.37
N ALA A 223 21.94 2.20 10.24
CA ALA A 223 21.10 2.33 9.03
C ALA A 223 20.76 3.79 8.75
N VAL A 224 20.38 4.52 9.80
CA VAL A 224 20.07 5.96 9.65
C VAL A 224 21.33 6.74 9.18
N GLU A 225 22.46 6.45 9.79
CA GLU A 225 23.72 7.02 9.34
C GLU A 225 24.04 6.67 7.88
N ARG A 226 23.83 5.41 7.46
CA ARG A 226 23.99 5.07 6.02
C ARG A 226 23.12 5.98 5.16
N TYR A 227 21.84 6.14 5.55
CA TYR A 227 20.88 6.98 4.79
C TYR A 227 21.42 8.39 4.66
N LYS A 228 21.83 8.96 5.78
CA LYS A 228 22.40 10.31 5.78
C LYS A 228 23.67 10.49 4.89
N ARG A 229 24.45 9.45 4.66
CA ARG A 229 25.61 9.67 3.78
C ARG A 229 25.40 9.39 2.30
N ARG A 230 24.15 9.13 1.92
CA ARG A 230 23.80 9.01 0.52
C ARG A 230 24.18 10.29 -0.21
N ASN A 231 24.64 10.16 -1.46
CA ASN A 231 24.84 11.33 -2.34
C ASN A 231 23.82 11.40 -3.49
N THR A 232 22.82 10.51 -3.43
CA THR A 232 21.68 10.51 -4.36
C THR A 232 20.39 10.32 -3.60
N LYS A 233 19.32 10.93 -4.07
CA LYS A 233 18.02 10.76 -3.42
C LYS A 233 17.52 9.33 -3.59
N VAL A 234 16.77 8.82 -2.63
CA VAL A 234 16.23 7.47 -2.82
C VAL A 234 15.21 7.53 -3.99
N LYS A 235 15.15 6.45 -4.77
CA LYS A 235 14.46 6.46 -6.05
C LYS A 235 12.96 6.57 -5.90
N VAL A 236 12.47 6.24 -4.72
CA VAL A 236 11.02 6.27 -4.52
C VAL A 236 10.55 7.09 -3.30
N TYR A 237 9.99 8.24 -3.63
CA TYR A 237 9.42 9.14 -2.64
C TYR A 237 8.53 8.35 -1.65
N TYR A 238 7.82 7.36 -2.18
CA TYR A 238 6.80 6.64 -1.41
C TYR A 238 7.44 5.81 -0.25
N TRP A 239 8.67 5.36 -0.47
CA TRP A 239 9.45 4.56 0.51
C TRP A 239 10.52 5.39 1.29
N ASP A 240 10.66 6.69 1.01
CA ASP A 240 11.79 7.48 1.54
C ASP A 240 11.75 7.52 3.09
N MET A 241 12.74 6.90 3.73
CA MET A 241 12.80 6.68 5.19
C MET A 241 12.59 7.97 5.96
N SER A 242 13.21 9.03 5.49
CA SER A 242 13.27 10.25 6.22
C SER A 242 11.89 10.94 6.13
N LEU A 243 11.22 10.84 4.98
CA LEU A 243 9.89 11.45 4.82
C LEU A 243 8.77 10.66 5.49
N VAL A 244 8.82 9.32 5.39
CA VAL A 244 7.79 8.55 6.10
C VAL A 244 8.05 8.55 7.59
N GLY A 245 9.32 8.56 7.97
CA GLY A 245 9.70 8.75 9.36
C GLY A 245 9.17 10.07 9.94
N ASP A 246 9.24 11.16 9.17
CA ASP A 246 8.72 12.46 9.62
C ASP A 246 7.20 12.45 9.78
N TYR A 247 6.52 11.83 8.81
CA TYR A 247 5.06 11.61 8.93
C TYR A 247 4.73 10.79 10.18
N TRP A 248 5.55 9.80 10.47
CA TRP A 248 5.40 9.00 11.69
C TRP A 248 6.01 9.59 13.00
N GLY A 249 6.51 10.84 12.98
CA GLY A 249 6.93 11.51 14.24
C GLY A 249 8.24 10.97 14.80
N CYS A 250 9.12 10.50 13.93
CA CYS A 250 10.33 9.81 14.34
C CYS A 250 11.56 10.66 14.63
N PHE A 251 11.73 11.79 13.94
CA PHE A 251 13.03 12.49 13.91
C PHE A 251 13.05 13.90 14.50
N GLY A 252 12.02 14.27 15.27
CA GLY A 252 11.95 15.62 15.87
C GLY A 252 11.48 16.73 14.93
N ARG A 253 11.17 16.40 13.68
CA ARG A 253 10.71 17.43 12.75
C ARG A 253 9.20 17.57 12.78
N PRO A 254 8.65 18.65 12.17
CA PRO A 254 7.18 18.78 12.10
C PRO A 254 6.59 17.60 11.32
N ARG A 255 5.40 17.18 11.70
CA ARG A 255 4.72 16.15 10.96
C ARG A 255 4.25 16.87 9.74
N ILE A 256 4.49 16.33 8.56
CA ILE A 256 3.78 16.90 7.43
C ILE A 256 3.08 15.86 6.56
N TYR A 257 2.47 16.34 5.48
CA TYR A 257 1.82 15.48 4.51
C TYR A 257 2.84 14.70 3.65
N HIS A 258 2.70 13.38 3.67
CA HIS A 258 3.53 12.57 2.84
C HIS A 258 2.59 11.79 1.90
N HIS A 259 1.61 11.09 2.50
CA HIS A 259 0.57 10.37 1.73
C HIS A 259 -0.61 10.15 2.71
N THR A 260 -1.82 9.91 2.19
CA THR A 260 -2.96 9.54 3.05
C THR A 260 -2.83 8.09 3.57
N ILE A 261 -2.49 7.89 4.86
CA ILE A 261 -2.44 6.48 5.39
C ILE A 261 -3.87 5.94 5.37
N SER A 262 -3.98 4.62 5.33
CA SER A 262 -5.27 3.97 5.40
C SER A 262 -5.79 3.82 6.84
N SER A 263 -6.76 4.64 7.25
CA SER A 263 -7.38 4.55 8.59
C SER A 263 -7.76 3.12 8.91
N THR A 264 -8.46 2.49 7.97
CA THR A 264 -8.95 1.09 8.14
C THR A 264 -7.84 0.10 8.47
N LEU A 265 -6.72 0.16 7.74
CA LEU A 265 -5.62 -0.78 8.05
C LEU A 265 -4.93 -0.45 9.34
N LEU A 266 -4.84 0.85 9.69
CA LEU A 266 -4.33 1.25 11.04
C LEU A 266 -5.17 0.64 12.15
N TYR A 267 -6.49 0.68 12.00
CA TYR A 267 -7.39 0.18 13.06
C TYR A 267 -7.21 -1.33 13.25
N GLY A 268 -7.23 -2.09 12.14
CA GLY A 268 -7.03 -3.54 12.20
C GLY A 268 -5.65 -3.89 12.72
N LEU A 269 -4.62 -3.16 12.27
CA LEU A 269 -3.27 -3.45 12.72
C LEU A 269 -3.09 -3.08 14.16
N ARG A 270 -3.58 -1.89 14.54
CA ARG A 270 -3.50 -1.45 15.92
C ARG A 270 -4.04 -2.53 16.84
N GLU A 271 -5.22 -3.04 16.50
CA GLU A 271 -5.88 -4.07 17.35
C GLU A 271 -5.16 -5.38 17.31
N ALA A 272 -4.66 -5.79 16.15
CA ALA A 272 -3.91 -7.03 16.12
C ALA A 272 -2.63 -6.91 16.97
N ILE A 273 -1.92 -5.77 16.85
CA ILE A 273 -0.71 -5.55 17.69
C ILE A 273 -1.03 -5.50 19.20
N ALA A 274 -2.14 -4.84 19.58
CA ALA A 274 -2.57 -4.78 21.00
C ALA A 274 -2.82 -6.19 21.55
N MET A 275 -3.58 -6.99 20.82
CA MET A 275 -3.72 -8.40 21.15
C MET A 275 -2.42 -9.21 21.33
N ALA A 276 -1.44 -9.05 20.43
CA ALA A 276 -0.18 -9.74 20.54
C ALA A 276 0.64 -9.25 21.76
N CYS A 277 0.61 -7.94 21.99
CA CYS A 277 1.27 -7.35 23.15
C CYS A 277 0.65 -7.84 24.50
N GLU A 278 -0.69 -7.94 24.55
CA GLU A 278 -1.49 -8.52 25.66
C GLU A 278 -1.02 -9.94 25.99
N GLU A 279 -0.89 -10.79 24.96
CA GLU A 279 -0.42 -12.15 25.16
C GLU A 279 1.04 -12.16 25.57
N GLY A 280 1.84 -11.28 24.99
CA GLY A 280 3.25 -11.17 25.37
C GLY A 280 4.08 -12.13 24.56
N LEU A 281 5.30 -11.69 24.20
CA LEU A 281 6.18 -12.53 23.36
C LEU A 281 6.45 -13.93 23.93
N PRO A 282 6.78 -14.06 25.26
CA PRO A 282 7.08 -15.42 25.70
C PRO A 282 5.97 -16.41 25.37
N ALA A 283 4.74 -16.09 25.75
CA ALA A 283 3.62 -16.98 25.51
C ALA A 283 3.25 -17.08 24.01
N LEU A 284 3.32 -15.96 23.27
CA LEU A 284 3.00 -15.97 21.83
C LEU A 284 3.90 -16.94 21.07
N ILE A 285 5.20 -16.85 21.29
CA ILE A 285 6.07 -17.65 20.51
C ILE A 285 6.04 -19.13 20.94
N ALA A 286 5.86 -19.39 22.26
CA ALA A 286 5.83 -20.75 22.77
C ALA A 286 4.59 -21.46 22.22
N ARG A 287 3.49 -20.71 22.13
CA ARG A 287 2.25 -21.23 21.55
C ARG A 287 2.42 -21.69 20.11
N HIS A 288 3.14 -20.91 19.29
CA HIS A 288 3.39 -21.27 17.90
C HIS A 288 4.35 -22.48 17.82
N GLU A 289 5.42 -22.47 18.60
CA GLU A 289 6.33 -23.62 18.68
C GLU A 289 5.63 -24.92 19.16
N ASP A 290 4.75 -24.80 20.16
CA ASP A 290 4.05 -25.97 20.67
C ASP A 290 3.08 -26.51 19.65
N CYS A 291 2.41 -25.62 18.91
CA CYS A 291 1.48 -26.07 17.88
C CYS A 291 2.24 -26.77 16.75
N ALA A 292 3.40 -26.22 16.38
CA ALA A 292 4.22 -26.85 15.33
C ALA A 292 4.66 -28.24 15.77
N LYS A 293 5.09 -28.36 17.02
CA LYS A 293 5.50 -29.66 17.60
C LYS A 293 4.35 -30.67 17.52
N ARG A 294 3.13 -30.25 17.83
CA ARG A 294 1.96 -31.13 17.70
C ARG A 294 1.71 -31.52 16.22
N LEU A 295 1.87 -30.55 15.31
CA LEU A 295 1.69 -30.78 13.88
C LEU A 295 2.71 -31.80 13.37
N TYR A 296 4.00 -31.57 13.66
CA TYR A 296 5.04 -32.55 13.33
C TYR A 296 4.69 -34.00 13.78
N ARG A 297 4.23 -34.15 15.02
CA ARG A 297 3.95 -35.50 15.57
C ARG A 297 2.81 -36.14 14.78
N GLY A 298 1.77 -35.35 14.51
CA GLY A 298 0.62 -35.78 13.70
C GLY A 298 1.04 -36.13 12.29
N LEU A 299 1.88 -35.30 11.69
CA LEU A 299 2.28 -35.57 10.31
C LEU A 299 3.15 -36.82 10.17
N GLN A 300 4.14 -36.94 11.06
CA GLN A 300 5.10 -38.03 11.01
C GLN A 300 4.47 -39.40 11.38
N ASP A 301 3.63 -39.42 12.42
CA ASP A 301 2.77 -40.56 12.72
C ASP A 301 1.96 -41.05 11.51
N ALA A 302 1.53 -40.10 10.66
CA ALA A 302 0.72 -40.43 9.49
C ALA A 302 1.59 -40.87 8.32
N GLY A 303 2.89 -40.89 8.52
CA GLY A 303 3.82 -41.29 7.45
C GLY A 303 4.26 -40.23 6.44
N PHE A 304 3.89 -38.96 6.69
CA PHE A 304 4.39 -37.84 5.88
C PHE A 304 5.83 -37.47 6.19
N GLU A 305 6.50 -36.89 5.21
CA GLU A 305 7.91 -36.54 5.33
C GLU A 305 8.08 -35.03 5.28
N LEU A 306 8.74 -34.47 6.30
CA LEU A 306 8.95 -33.01 6.39
C LEU A 306 10.16 -32.56 5.59
N TYR A 307 10.04 -31.42 4.94
CA TYR A 307 11.04 -30.92 3.99
C TYR A 307 12.25 -30.26 4.69
N ALA A 308 12.00 -29.47 5.74
CA ALA A 308 13.07 -28.74 6.37
C ALA A 308 13.79 -29.66 7.35
N ASP A 309 15.12 -29.59 7.33
CA ASP A 309 15.97 -30.15 8.37
C ASP A 309 15.35 -29.91 9.76
N PRO A 310 15.27 -30.96 10.59
CA PRO A 310 14.69 -30.84 11.93
C PRO A 310 15.31 -29.75 12.81
N LYS A 311 16.57 -29.39 12.60
CA LYS A 311 17.17 -28.30 13.43
C LYS A 311 16.84 -26.89 12.90
N ASP A 312 16.24 -26.80 11.72
CA ASP A 312 16.05 -25.51 11.09
C ASP A 312 14.58 -25.18 10.79
N ARG A 313 13.65 -25.81 11.49
CA ARG A 313 12.23 -25.62 11.18
C ARG A 313 11.65 -24.31 11.72
N LEU A 314 10.89 -23.64 10.86
CA LEU A 314 10.15 -22.45 11.17
C LEU A 314 8.75 -22.90 11.67
N SER A 315 8.36 -22.47 12.88
CA SER A 315 7.11 -22.95 13.49
C SER A 315 5.87 -22.56 12.68
N THR A 316 5.87 -21.35 12.12
CA THR A 316 4.67 -20.78 11.49
C THR A 316 4.32 -21.35 10.11
N VAL A 317 5.29 -21.97 9.43
CA VAL A 317 5.10 -22.50 8.05
C VAL A 317 5.81 -23.84 7.95
N THR A 318 5.04 -24.90 7.80
CA THR A 318 5.60 -26.26 7.75
C THR A 318 5.52 -26.80 6.34
N THR A 319 6.69 -27.09 5.76
CA THR A 319 6.81 -27.64 4.43
C THR A 319 6.77 -29.16 4.53
N ILE A 320 5.82 -29.75 3.81
CA ILE A 320 5.72 -31.17 3.81
C ILE A 320 5.85 -31.74 2.37
N LYS A 321 6.74 -32.72 2.18
CA LYS A 321 6.96 -33.32 0.85
C LYS A 321 5.67 -33.90 0.29
N VAL A 322 5.34 -33.59 -0.97
CA VAL A 322 4.20 -34.15 -1.64
C VAL A 322 4.47 -35.65 -1.89
N PRO A 323 3.65 -36.54 -1.31
CA PRO A 323 3.96 -37.96 -1.55
C PRO A 323 3.86 -38.33 -3.02
N GLN A 324 4.68 -39.30 -3.40
CA GLN A 324 4.67 -39.89 -4.75
C GLN A 324 3.24 -40.27 -5.16
N GLY A 325 2.85 -39.87 -6.37
CA GLY A 325 1.50 -40.13 -6.87
C GLY A 325 0.37 -39.18 -6.42
N VAL A 326 0.66 -38.23 -5.51
CA VAL A 326 -0.37 -37.24 -5.17
C VAL A 326 -0.25 -35.95 -5.97
N ASP A 327 -1.37 -35.57 -6.58
CA ASP A 327 -1.52 -34.31 -7.22
C ASP A 327 -1.85 -33.24 -6.14
N TRP A 328 -0.85 -32.40 -5.80
CA TRP A 328 -0.98 -31.49 -4.64
C TRP A 328 -2.14 -30.52 -4.88
N LEU A 329 -2.30 -30.06 -6.12
CA LEU A 329 -3.34 -29.07 -6.42
C LEU A 329 -4.72 -29.68 -6.19
N LYS A 330 -4.88 -30.92 -6.70
CA LYS A 330 -6.13 -31.65 -6.57
C LYS A 330 -6.47 -31.83 -5.11
N ALA A 331 -5.47 -32.20 -4.31
CA ALA A 331 -5.64 -32.33 -2.87
C ALA A 331 -6.06 -31.02 -2.21
N ALA A 332 -5.37 -29.92 -2.56
CA ALA A 332 -5.78 -28.57 -2.08
C ALA A 332 -7.24 -28.24 -2.45
N GLN A 333 -7.64 -28.55 -3.68
CA GLN A 333 -9.01 -28.26 -4.12
C GLN A 333 -10.06 -29.08 -3.37
N TYR A 334 -9.74 -30.37 -3.16
CA TYR A 334 -10.59 -31.24 -2.36
C TYR A 334 -10.80 -30.65 -0.94
N ALA A 335 -9.75 -30.16 -0.31
CA ALA A 335 -9.89 -29.64 1.05
C ALA A 335 -10.74 -28.37 1.08
N MET A 336 -10.57 -27.52 0.08
CA MET A 336 -11.30 -26.27 0.00
C MET A 336 -12.78 -26.54 -0.32
N LYS A 337 -13.05 -27.43 -1.28
CA LYS A 337 -14.45 -27.69 -1.71
C LYS A 337 -15.19 -28.40 -0.60
N THR A 338 -14.51 -29.31 0.08
CA THR A 338 -15.28 -30.06 1.05
C THR A 338 -15.40 -29.39 2.42
N TYR A 339 -14.35 -28.66 2.83
CA TYR A 339 -14.31 -28.12 4.19
C TYR A 339 -14.12 -26.60 4.33
N LEU A 340 -13.91 -25.92 3.20
CA LEU A 340 -13.49 -24.52 3.15
C LEU A 340 -12.22 -24.34 3.96
N VAL A 341 -11.33 -25.34 3.91
CA VAL A 341 -10.03 -25.15 4.49
C VAL A 341 -8.92 -25.09 3.46
N GLU A 342 -8.09 -24.06 3.64
CA GLU A 342 -6.95 -23.82 2.77
C GLU A 342 -5.70 -24.59 3.21
N ILE A 343 -5.19 -25.43 2.31
CA ILE A 343 -3.83 -25.91 2.41
C ILE A 343 -3.11 -25.52 1.10
N SER A 344 -1.81 -25.22 1.16
CA SER A 344 -1.15 -24.63 0.01
C SER A 344 -0.13 -25.56 -0.56
N GLY A 345 0.27 -25.29 -1.81
CA GLY A 345 1.45 -25.90 -2.39
C GLY A 345 2.72 -25.14 -2.00
N GLY A 346 3.73 -25.19 -2.87
CA GLY A 346 5.04 -24.56 -2.60
C GLY A 346 5.22 -23.17 -3.21
N LEU A 347 6.45 -22.69 -3.23
CA LEU A 347 6.71 -21.32 -3.67
C LEU A 347 8.12 -21.24 -4.19
N GLY A 348 8.33 -20.61 -5.35
CA GLY A 348 9.68 -20.52 -5.94
C GLY A 348 10.39 -21.88 -5.96
N PRO A 349 11.50 -22.03 -5.22
CA PRO A 349 12.18 -23.32 -5.40
C PRO A 349 11.41 -24.58 -4.93
N THR A 350 10.42 -24.43 -4.06
CA THR A 350 9.66 -25.58 -3.58
C THR A 350 8.34 -25.79 -4.36
N ALA A 351 8.14 -25.00 -5.41
CA ALA A 351 6.93 -25.10 -6.23
C ALA A 351 6.80 -26.52 -6.78
N GLY A 352 5.60 -27.09 -6.63
CA GLY A 352 5.32 -28.46 -7.05
C GLY A 352 5.95 -29.53 -6.15
N GLN A 353 6.81 -29.11 -5.21
CA GLN A 353 7.55 -30.06 -4.38
C GLN A 353 6.94 -30.33 -3.01
N VAL A 354 6.16 -29.37 -2.48
CA VAL A 354 5.72 -29.41 -1.07
C VAL A 354 4.26 -28.96 -0.88
N PHE A 355 3.65 -29.37 0.22
CA PHE A 355 2.54 -28.63 0.79
C PHE A 355 3.13 -27.71 1.88
N ARG A 356 2.39 -26.65 2.20
CA ARG A 356 2.76 -25.72 3.26
C ARG A 356 1.55 -25.53 4.13
N ILE A 357 1.73 -25.85 5.41
CA ILE A 357 0.71 -25.58 6.40
C ILE A 357 1.17 -24.45 7.31
N GLY A 358 0.36 -23.40 7.35
CA GLY A 358 0.66 -22.27 8.20
C GLY A 358 -0.03 -22.44 9.54
N LEU A 359 0.72 -22.19 10.60
CA LEU A 359 0.18 -22.14 11.96
C LEU A 359 0.45 -20.72 12.47
N MET A 360 -0.52 -19.82 12.28
CA MET A 360 -0.28 -18.41 12.56
C MET A 360 -1.44 -17.74 13.28
N GLY A 361 -1.11 -17.10 14.40
CA GLY A 361 -2.02 -16.22 15.13
C GLY A 361 -3.22 -16.98 15.62
N GLN A 362 -4.39 -16.61 15.10
CA GLN A 362 -5.65 -17.28 15.48
C GLN A 362 -5.66 -18.77 15.19
N ASN A 363 -4.79 -19.21 14.27
CA ASN A 363 -4.82 -20.61 13.81
C ASN A 363 -3.73 -21.47 14.45
N ALA A 364 -2.93 -20.87 15.32
CA ALA A 364 -1.96 -21.62 16.10
C ALA A 364 -2.68 -22.01 17.39
N THR A 365 -3.61 -22.96 17.28
CA THR A 365 -4.23 -23.51 18.47
C THR A 365 -4.25 -25.02 18.30
N THR A 366 -4.41 -25.75 19.41
CA THR A 366 -4.41 -27.22 19.35
C THR A 366 -5.63 -27.70 18.52
N GLU A 367 -6.77 -27.02 18.67
CA GLU A 367 -7.96 -27.36 17.93
C GLU A 367 -7.78 -27.21 16.41
N ARG A 368 -7.15 -26.12 15.98
CA ARG A 368 -7.01 -25.87 14.56
C ARG A 368 -5.91 -26.73 13.97
N VAL A 369 -4.90 -27.03 14.78
CA VAL A 369 -3.87 -27.99 14.40
C VAL A 369 -4.51 -29.36 14.14
N ASP A 370 -5.42 -29.76 15.03
CA ASP A 370 -6.08 -31.06 14.88
C ASP A 370 -6.97 -31.07 13.65
N ARG A 371 -7.60 -29.94 13.37
CA ARG A 371 -8.48 -29.80 12.21
C ARG A 371 -7.67 -29.90 10.88
N VAL A 372 -6.59 -29.14 10.78
CA VAL A 372 -5.79 -29.18 9.55
C VAL A 372 -5.16 -30.56 9.38
N LEU A 373 -4.71 -31.18 10.48
CA LEU A 373 -4.20 -32.58 10.43
C LEU A 373 -5.26 -33.48 9.80
N GLN A 374 -6.50 -33.40 10.31
CA GLN A 374 -7.58 -34.22 9.83
C GLN A 374 -7.90 -33.92 8.35
N VAL A 375 -8.11 -32.65 7.99
CA VAL A 375 -8.45 -32.37 6.58
C VAL A 375 -7.32 -32.68 5.60
N PHE A 376 -6.07 -32.37 5.97
CA PHE A 376 -4.91 -32.64 5.13
C PHE A 376 -4.81 -34.15 4.80
N GLN A 377 -4.87 -34.99 5.82
CA GLN A 377 -4.81 -36.41 5.65
C GLN A 377 -5.94 -36.92 4.78
N GLU A 378 -7.15 -36.41 4.99
CA GLU A 378 -8.31 -36.81 4.18
C GLU A 378 -8.15 -36.40 2.72
N ALA A 379 -7.77 -35.12 2.51
CA ALA A 379 -7.50 -34.58 1.17
C ALA A 379 -6.47 -35.41 0.42
N VAL A 380 -5.35 -35.72 1.07
CA VAL A 380 -4.30 -36.50 0.43
C VAL A 380 -4.77 -37.94 0.12
N ALA A 381 -5.44 -38.58 1.09
CA ALA A 381 -5.99 -39.93 0.89
C ALA A 381 -7.03 -39.96 -0.23
N ALA A 382 -7.82 -38.89 -0.36
CA ALA A 382 -8.80 -38.76 -1.43
C ALA A 382 -8.24 -38.78 -2.86
N VAL A 383 -7.02 -38.31 -3.07
CA VAL A 383 -6.49 -38.20 -4.46
C VAL A 383 -5.36 -39.19 -4.76
N LYS A 384 -5.00 -39.97 -3.74
CA LYS A 384 -3.91 -40.94 -3.82
C LYS A 384 -4.50 -42.33 -4.11
N PRO A 385 -3.82 -43.10 -5.00
CA PRO A 385 -4.08 -44.55 -5.31
C PRO A 385 -4.46 -45.53 -4.16
N MET B 1 15.08 -15.35 30.75
CA MET B 1 14.86 -14.66 29.42
C MET B 1 14.37 -13.18 29.56
N GLU B 2 15.26 -12.22 29.28
CA GLU B 2 15.06 -10.78 29.52
C GLU B 2 14.58 -9.95 28.28
N TYR B 3 13.51 -9.19 28.50
CA TYR B 3 12.88 -8.38 27.45
C TYR B 3 13.01 -6.92 27.82
N LYS B 4 14.00 -6.23 27.27
CA LYS B 4 14.25 -4.83 27.62
C LYS B 4 13.10 -3.87 27.24
N VAL B 5 12.26 -4.26 26.28
CA VAL B 5 11.09 -3.46 25.92
C VAL B 5 9.87 -4.18 26.46
N THR B 6 8.97 -3.45 27.08
CA THR B 6 7.85 -4.05 27.80
C THR B 6 6.53 -3.82 27.03
N PRO B 7 5.50 -4.64 27.26
CA PRO B 7 4.23 -4.42 26.59
C PRO B 7 3.70 -3.00 26.85
N PRO B 8 3.42 -2.21 25.77
CA PRO B 8 2.98 -0.81 25.97
C PRO B 8 1.63 -0.62 26.71
N ALA B 9 1.64 0.17 27.80
CA ALA B 9 0.39 0.51 28.51
C ALA B 9 -0.66 1.17 27.57
N VAL B 10 -0.18 2.02 26.71
CA VAL B 10 -1.00 2.69 25.70
C VAL B 10 -1.98 1.74 24.96
N LEU B 11 -1.54 0.53 24.65
CA LEU B 11 -2.32 -0.42 23.85
C LEU B 11 -3.41 -1.13 24.66
N ARG B 12 -3.33 -1.06 26.00
CA ARG B 12 -4.43 -1.51 26.88
C ARG B 12 -5.62 -0.57 26.91
N GLU B 13 -5.44 0.67 26.47
CA GLU B 13 -6.56 1.61 26.27
C GLU B 13 -7.41 1.25 25.05
N PRO B 14 -8.72 1.60 25.05
CA PRO B 14 -9.45 1.34 23.80
C PRO B 14 -8.98 2.18 22.60
N LEU B 15 -9.19 1.62 21.42
CA LEU B 15 -8.99 2.34 20.19
C LEU B 15 -10.04 3.42 20.13
N VAL B 16 -9.63 4.66 19.86
CA VAL B 16 -10.61 5.74 19.71
C VAL B 16 -10.64 6.38 18.31
N THR B 17 -11.83 6.34 17.68
CA THR B 17 -12.03 6.88 16.32
C THR B 17 -13.30 7.75 16.27
N PRO B 18 -13.16 9.04 16.63
CA PRO B 18 -14.36 9.91 16.69
C PRO B 18 -14.95 10.01 15.31
N ASN B 19 -16.27 10.12 15.22
CA ASN B 19 -16.96 10.18 13.94
C ASN B 19 -17.11 11.64 13.49
N LYS B 20 -16.42 12.01 12.42
CA LYS B 20 -16.28 13.41 12.05
C LYS B 20 -16.90 13.67 10.68
N LEU B 21 -17.29 14.90 10.38
CA LEU B 21 -17.69 15.25 9.03
C LEU B 21 -16.42 15.75 8.32
N LEU B 22 -15.89 14.95 7.39
CA LEU B 22 -14.61 15.25 6.76
C LEU B 22 -14.81 16.10 5.51
N MET B 23 -14.85 17.42 5.69
CA MET B 23 -15.15 18.30 4.57
C MET B 23 -13.88 19.00 4.09
N GLY B 24 -12.72 18.40 4.39
CA GLY B 24 -11.48 18.84 3.75
C GLY B 24 -11.40 18.17 2.38
N PRO B 25 -10.22 18.20 1.74
CA PRO B 25 -10.14 17.62 0.39
C PRO B 25 -9.82 16.12 0.36
N GLY B 26 -10.02 15.42 1.47
CA GLY B 26 -9.93 13.97 1.49
C GLY B 26 -9.07 13.55 2.66
N PRO B 27 -9.39 12.39 3.28
CA PRO B 27 -10.45 11.44 2.82
C PRO B 27 -11.90 11.93 3.05
N SER B 28 -12.85 11.39 2.30
CA SER B 28 -14.29 11.71 2.51
C SER B 28 -14.99 10.63 3.34
N ASN B 29 -16.17 10.95 3.87
CA ASN B 29 -16.87 10.01 4.74
C ASN B 29 -17.26 8.74 3.95
N ALA B 30 -16.87 7.57 4.46
CA ALA B 30 -17.22 6.31 3.80
C ALA B 30 -18.70 6.02 3.96
N PRO B 31 -19.36 5.55 2.89
CA PRO B 31 -20.76 5.11 3.10
C PRO B 31 -20.79 3.95 4.07
N GLN B 32 -21.88 3.80 4.83
CA GLN B 32 -21.95 2.73 5.82
C GLN B 32 -21.80 1.35 5.18
N ARG B 33 -22.27 1.22 3.94
CA ARG B 33 -22.12 -0.02 3.19
C ARG B 33 -20.63 -0.38 3.01
N VAL B 34 -19.77 0.61 2.73
CA VAL B 34 -18.39 0.26 2.56
C VAL B 34 -17.73 -0.10 3.89
N LEU B 35 -18.07 0.61 4.97
CA LEU B 35 -17.55 0.23 6.32
C LEU B 35 -17.98 -1.17 6.75
N ASP B 36 -19.27 -1.48 6.57
CA ASP B 36 -19.74 -2.83 6.93
C ASP B 36 -18.98 -3.89 6.13
N ALA B 37 -18.77 -3.68 4.83
CA ALA B 37 -18.04 -4.65 4.01
C ALA B 37 -16.62 -4.95 4.50
N MET B 38 -16.00 -4.03 5.23
CA MET B 38 -14.61 -4.19 5.67
C MET B 38 -14.48 -4.98 6.95
N SER B 39 -15.64 -5.38 7.48
CA SER B 39 -15.70 -6.39 8.52
C SER B 39 -15.76 -7.82 7.99
N ARG B 40 -15.87 -7.99 6.67
CA ARG B 40 -15.96 -9.35 6.12
C ARG B 40 -14.64 -10.14 6.35
N PRO B 41 -14.75 -11.48 6.44
CA PRO B 41 -13.54 -12.25 6.73
C PRO B 41 -12.48 -12.07 5.62
N ILE B 42 -11.23 -12.22 6.04
CA ILE B 42 -10.10 -12.21 5.11
C ILE B 42 -10.14 -13.40 4.12
N LEU B 43 -9.77 -13.10 2.88
CA LEU B 43 -9.59 -14.12 1.85
C LEU B 43 -8.11 -14.25 1.40
N GLY B 44 -7.75 -15.41 0.90
CA GLY B 44 -6.43 -15.59 0.31
C GLY B 44 -6.30 -14.76 -0.93
N HIS B 45 -5.08 -14.25 -1.14
CA HIS B 45 -4.77 -13.35 -2.28
C HIS B 45 -4.92 -13.98 -3.67
N LEU B 46 -4.81 -15.30 -3.76
CA LEU B 46 -5.00 -15.94 -5.06
C LEU B 46 -6.26 -16.83 -5.13
N HIS B 47 -7.14 -16.72 -4.12
CA HIS B 47 -8.37 -17.50 -4.08
C HIS B 47 -9.33 -17.03 -5.14
N PRO B 48 -10.12 -17.96 -5.73
CA PRO B 48 -11.04 -17.59 -6.81
C PRO B 48 -11.97 -16.44 -6.43
N GLU B 49 -12.42 -16.42 -5.18
CA GLU B 49 -13.35 -15.37 -4.74
C GLU B 49 -12.68 -13.98 -4.69
N THR B 50 -11.38 -13.92 -4.38
CA THR B 50 -10.61 -12.69 -4.41
C THR B 50 -10.45 -12.24 -5.87
N LEU B 51 -10.10 -13.18 -6.73
CA LEU B 51 -9.87 -12.89 -8.14
C LEU B 51 -11.15 -12.39 -8.77
N LYS B 52 -12.29 -12.93 -8.33
CA LYS B 52 -13.59 -12.46 -8.83
C LYS B 52 -13.86 -11.00 -8.43
N ILE B 53 -13.64 -10.69 -7.15
CA ILE B 53 -13.73 -9.32 -6.70
C ILE B 53 -12.80 -8.39 -7.49
N MET B 54 -11.56 -8.80 -7.71
CA MET B 54 -10.64 -8.00 -8.50
C MET B 54 -11.16 -7.81 -9.91
N ASP B 55 -11.73 -8.87 -10.49
CA ASP B 55 -12.27 -8.83 -11.87
C ASP B 55 -13.44 -7.86 -11.95
N ASP B 56 -14.31 -7.89 -10.95
CA ASP B 56 -15.44 -6.98 -10.88
C ASP B 56 -15.00 -5.53 -10.71
N ILE B 57 -14.03 -5.30 -9.83
CA ILE B 57 -13.40 -3.97 -9.70
C ILE B 57 -12.85 -3.44 -11.05
N LYS B 58 -12.16 -4.29 -11.81
CA LYS B 58 -11.68 -3.85 -13.14
C LYS B 58 -12.77 -3.34 -14.05
N GLU B 59 -13.90 -4.04 -14.08
CA GLU B 59 -15.01 -3.61 -14.94
C GLU B 59 -15.49 -2.25 -14.46
N GLY B 60 -15.56 -2.11 -13.14
CA GLY B 60 -16.02 -0.86 -12.54
C GLY B 60 -15.07 0.30 -12.81
N VAL B 61 -13.76 0.07 -12.72
CA VAL B 61 -12.90 1.18 -13.08
C VAL B 61 -12.92 1.52 -14.56
N ARG B 62 -13.06 0.51 -15.44
CA ARG B 62 -13.17 0.80 -16.87
C ARG B 62 -14.39 1.67 -17.12
N TYR B 63 -15.49 1.40 -16.42
CA TYR B 63 -16.69 2.24 -16.55
C TYR B 63 -16.38 3.67 -16.09
N LEU B 64 -15.85 3.78 -14.87
CA LEU B 64 -15.53 5.11 -14.28
C LEU B 64 -14.52 5.95 -15.12
N PHE B 65 -13.50 5.28 -15.66
CA PHE B 65 -12.46 5.93 -16.47
C PHE B 65 -12.97 6.16 -17.87
N GLN B 66 -13.98 5.39 -18.26
CA GLN B 66 -14.43 5.26 -19.67
C GLN B 66 -13.29 4.80 -20.60
N THR B 67 -12.77 3.60 -20.31
CA THR B 67 -11.72 2.98 -21.12
C THR B 67 -12.03 1.52 -21.34
N ASN B 68 -11.52 0.98 -22.45
CA ASN B 68 -11.53 -0.46 -22.67
C ASN B 68 -10.15 -1.09 -22.47
N ASN B 69 -9.22 -0.35 -21.87
CA ASN B 69 -7.84 -0.84 -21.77
C ASN B 69 -7.77 -2.17 -21.08
N ILE B 70 -7.14 -3.15 -21.71
CA ILE B 70 -6.91 -4.42 -21.01
C ILE B 70 -6.00 -4.21 -19.76
N ALA B 71 -5.04 -3.28 -19.83
CA ALA B 71 -4.11 -3.05 -18.68
C ALA B 71 -4.75 -2.10 -17.69
N THR B 72 -5.88 -2.52 -17.11
CA THR B 72 -6.60 -1.73 -16.07
C THR B 72 -6.56 -2.58 -14.79
N PHE B 73 -6.02 -2.05 -13.68
CA PHE B 73 -5.96 -2.78 -12.43
C PHE B 73 -5.89 -1.81 -11.25
N CYS B 74 -5.62 -2.26 -10.03
CA CYS B 74 -5.39 -1.32 -8.91
C CYS B 74 -4.03 -1.61 -8.31
N LEU B 75 -3.40 -0.58 -7.73
CA LEU B 75 -2.12 -0.68 -7.07
C LEU B 75 -2.36 -0.73 -5.56
N SER B 76 -1.65 -1.62 -4.89
CA SER B 76 -1.70 -1.74 -3.43
C SER B 76 -0.86 -0.63 -2.77
N ALA B 77 -1.35 0.59 -2.92
CA ALA B 77 -0.64 1.82 -2.50
C ALA B 77 -1.70 2.90 -2.51
N SER B 78 -1.46 3.97 -1.76
CA SER B 78 -2.31 5.16 -1.73
C SER B 78 -2.12 5.92 -3.05
N GLY B 79 -2.85 7.00 -3.26
CA GLY B 79 -2.85 7.70 -4.56
C GLY B 79 -1.46 8.13 -5.08
N HIS B 80 -0.52 8.43 -4.19
CA HIS B 80 0.87 8.69 -4.59
C HIS B 80 1.47 7.50 -5.37
N GLY B 81 1.07 6.28 -4.99
CA GLY B 81 1.54 5.07 -5.65
C GLY B 81 1.12 4.97 -7.10
N GLY B 82 -0.04 5.53 -7.47
CA GLY B 82 -0.44 5.68 -8.89
C GLY B 82 0.53 6.61 -9.62
N MET B 83 0.90 7.73 -8.99
CA MET B 83 1.88 8.63 -9.58
C MET B 83 3.24 7.93 -9.72
N GLU B 84 3.69 7.24 -8.66
CA GLU B 84 4.93 6.44 -8.72
C GLU B 84 5.01 5.39 -9.86
N ALA B 85 3.97 4.57 -9.93
CA ALA B 85 3.97 3.42 -10.82
C ALA B 85 3.91 3.86 -12.30
N THR B 86 3.09 4.85 -12.53
CA THR B 86 2.91 5.47 -13.85
C THR B 86 4.28 6.03 -14.35
N LEU B 87 4.98 6.77 -13.48
CA LEU B 87 6.29 7.33 -13.80
C LEU B 87 7.38 6.26 -13.85
N CYS B 88 7.27 5.31 -12.93
CA CYS B 88 8.27 4.27 -12.82
C CYS B 88 8.28 3.37 -14.06
N ASN B 89 7.10 2.99 -14.55
CA ASN B 89 6.99 2.11 -15.69
C ASN B 89 7.37 2.75 -17.03
N LEU B 90 7.05 4.03 -17.17
CA LEU B 90 7.09 4.72 -18.45
C LEU B 90 8.31 5.61 -18.61
N LEU B 91 9.16 5.67 -17.58
CA LEU B 91 10.44 6.41 -17.68
C LEU B 91 11.69 5.53 -17.57
N GLU B 92 12.68 5.78 -18.44
CA GLU B 92 14.04 5.30 -18.26
C GLU B 92 14.99 6.52 -18.11
N ASP B 93 16.21 6.25 -17.62
CA ASP B 93 17.16 7.34 -17.32
C ASP B 93 17.39 8.21 -18.54
N GLY B 94 17.33 9.51 -18.35
CA GLY B 94 17.54 10.46 -19.41
C GLY B 94 16.32 10.83 -20.23
N ASP B 95 15.23 10.06 -20.12
CA ASP B 95 13.98 10.40 -20.85
C ASP B 95 13.54 11.77 -20.43
N VAL B 96 13.01 12.54 -21.36
CA VAL B 96 12.59 13.90 -21.08
C VAL B 96 11.10 13.88 -20.78
N ILE B 97 10.68 14.44 -19.64
CA ILE B 97 9.25 14.50 -19.31
C ILE B 97 8.93 15.94 -19.12
N LEU B 98 7.77 16.33 -19.64
CA LEU B 98 7.25 17.63 -19.36
C LEU B 98 6.18 17.51 -18.28
N ILE B 99 6.30 18.30 -17.24
CA ILE B 99 5.27 18.33 -16.21
C ILE B 99 4.41 19.54 -16.46
N GLY B 100 3.09 19.35 -16.61
CA GLY B 100 2.20 20.49 -16.63
C GLY B 100 1.83 20.92 -15.19
N HIS B 101 2.40 22.03 -14.72
CA HIS B 101 2.27 22.41 -13.29
C HIS B 101 1.07 23.35 -13.06
N THR B 102 0.02 22.85 -12.42
CA THR B 102 -1.14 23.66 -12.07
C THR B 102 -1.35 23.76 -10.56
N GLY B 103 -0.28 23.43 -9.81
CA GLY B 103 -0.35 23.39 -8.36
C GLY B 103 0.65 22.41 -7.79
N HIS B 104 0.46 22.07 -6.52
CA HIS B 104 1.38 21.13 -5.81
C HIS B 104 1.72 19.88 -6.58
N TRP B 105 0.74 19.32 -7.29
CA TRP B 105 0.90 17.98 -7.88
C TRP B 105 1.94 18.01 -9.00
N GLY B 106 2.19 19.20 -9.53
CA GLY B 106 3.26 19.46 -10.49
C GLY B 106 4.61 19.37 -9.79
N ASP B 107 4.70 19.87 -8.56
CA ASP B 107 5.94 19.76 -7.80
C ASP B 107 6.22 18.32 -7.44
N ARG B 108 5.18 17.58 -7.04
CA ARG B 108 5.38 16.19 -6.56
C ARG B 108 5.76 15.24 -7.73
N SER B 109 5.07 15.37 -8.87
CA SER B 109 5.39 14.52 -10.02
C SER B 109 6.80 14.83 -10.56
N ALA B 110 7.19 16.10 -10.51
CA ALA B 110 8.56 16.51 -10.90
C ALA B 110 9.62 15.87 -10.01
N ASP B 111 9.32 15.79 -8.71
CA ASP B 111 10.19 15.18 -7.72
C ASP B 111 10.37 13.67 -8.00
N MET B 112 9.26 12.94 -8.21
CA MET B 112 9.32 11.51 -8.48
C MET B 112 10.01 11.20 -9.79
N ALA B 113 9.72 11.97 -10.84
CA ALA B 113 10.34 11.80 -12.14
C ALA B 113 11.84 12.00 -11.99
N THR B 114 12.24 13.00 -11.22
CA THR B 114 13.67 13.18 -11.02
C THR B 114 14.33 12.07 -10.20
N ARG B 115 13.62 11.56 -9.19
CA ARG B 115 14.11 10.40 -8.43
C ARG B 115 14.26 9.18 -9.35
N TYR B 116 13.39 9.05 -10.34
CA TYR B 116 13.49 7.95 -11.30
C TYR B 116 14.54 8.15 -12.40
N GLY B 117 15.28 9.25 -12.38
CA GLY B 117 16.35 9.52 -13.37
C GLY B 117 15.96 10.21 -14.66
N ALA B 118 14.76 10.77 -14.73
CA ALA B 118 14.32 11.48 -15.95
C ALA B 118 14.93 12.87 -16.02
N ASP B 119 14.86 13.48 -17.22
CA ASP B 119 15.24 14.86 -17.50
C ASP B 119 13.94 15.62 -17.41
N VAL B 120 13.78 16.36 -16.30
CA VAL B 120 12.46 16.89 -15.96
C VAL B 120 12.33 18.32 -16.45
N ARG B 121 11.26 18.58 -17.19
CA ARG B 121 10.93 19.92 -17.64
C ARG B 121 9.57 20.33 -17.07
N VAL B 122 9.39 21.62 -16.86
CA VAL B 122 8.11 22.11 -16.30
C VAL B 122 7.54 23.30 -17.07
N VAL B 123 6.24 23.23 -17.36
CA VAL B 123 5.51 24.43 -17.79
C VAL B 123 4.49 24.77 -16.70
N LYS B 124 4.54 26.00 -16.19
CA LYS B 124 3.68 26.42 -15.09
C LYS B 124 2.52 27.28 -15.56
N SER B 125 1.32 26.98 -15.04
CA SER B 125 0.17 27.79 -15.31
C SER B 125 0.32 29.20 -14.68
N LYS B 126 -0.49 30.12 -15.16
CA LYS B 126 -0.80 31.33 -14.40
C LYS B 126 -1.47 30.96 -13.08
N VAL B 127 -1.36 31.87 -12.11
CA VAL B 127 -1.84 31.60 -10.75
C VAL B 127 -3.37 31.41 -10.70
N GLY B 128 -3.78 30.32 -10.05
CA GLY B 128 -5.20 29.98 -9.95
C GLY B 128 -5.87 29.63 -11.29
N GLN B 129 -5.06 29.34 -12.30
CA GLN B 129 -5.57 28.98 -13.62
C GLN B 129 -5.06 27.64 -14.09
N SER B 130 -5.78 27.04 -15.02
CA SER B 130 -5.29 25.86 -15.74
C SER B 130 -4.33 26.29 -16.87
N LEU B 131 -3.62 25.34 -17.45
CA LEU B 131 -2.81 25.64 -18.64
C LEU B 131 -3.68 25.69 -19.91
N SER B 132 -3.46 26.65 -20.80
CA SER B 132 -4.20 26.65 -22.07
C SER B 132 -3.63 25.59 -23.01
N LEU B 133 -4.40 25.16 -24.02
CA LEU B 133 -3.87 24.27 -25.08
C LEU B 133 -2.62 24.88 -25.78
N ASP B 134 -2.65 26.18 -26.03
CA ASP B 134 -1.49 26.91 -26.57
C ASP B 134 -0.25 26.75 -25.73
N GLU B 135 -0.41 27.02 -24.43
CA GLU B 135 0.70 26.89 -23.50
C GLU B 135 1.25 25.47 -23.51
N ILE B 136 0.35 24.48 -23.56
CA ILE B 136 0.78 23.07 -23.61
C ILE B 136 1.55 22.79 -24.90
N ARG B 137 0.98 23.21 -26.03
CA ARG B 137 1.58 22.98 -27.35
C ARG B 137 2.98 23.57 -27.41
N ASP B 138 3.09 24.83 -27.01
CA ASP B 138 4.36 25.57 -27.01
C ASP B 138 5.43 24.85 -26.22
N ALA B 139 5.07 24.37 -25.03
CA ALA B 139 6.05 23.67 -24.19
C ALA B 139 6.42 22.31 -24.77
N LEU B 140 5.45 21.65 -25.42
CA LEU B 140 5.71 20.38 -26.05
C LEU B 140 6.70 20.55 -27.19
N LEU B 141 6.50 21.61 -27.96
CA LEU B 141 7.33 21.83 -29.15
C LEU B 141 8.76 22.12 -28.74
N ILE B 142 8.91 22.88 -27.65
CA ILE B 142 10.19 23.33 -27.10
C ILE B 142 11.01 22.18 -26.46
N HIS B 143 10.31 21.32 -25.74
CA HIS B 143 10.97 20.30 -24.93
C HIS B 143 11.10 18.97 -25.62
N LYS B 144 10.24 18.73 -26.62
CA LYS B 144 10.13 17.44 -27.27
C LYS B 144 10.21 16.28 -26.26
N PRO B 145 9.28 16.23 -25.27
CA PRO B 145 9.35 15.14 -24.30
C PRO B 145 8.81 13.81 -24.86
N SER B 146 9.11 12.70 -24.19
CA SER B 146 8.49 11.43 -24.47
C SER B 146 7.28 11.16 -23.56
N VAL B 147 7.10 12.00 -22.52
CA VAL B 147 5.96 11.89 -21.60
C VAL B 147 5.54 13.30 -21.19
N LEU B 148 4.23 13.56 -21.17
CA LEU B 148 3.66 14.78 -20.64
C LEU B 148 2.83 14.34 -19.46
N PHE B 149 2.97 15.03 -18.32
CA PHE B 149 2.21 14.67 -17.11
C PHE B 149 1.30 15.84 -16.75
N LEU B 150 -0.01 15.57 -16.61
CA LEU B 150 -1.00 16.58 -16.19
C LEU B 150 -1.86 16.08 -15.01
N THR B 151 -2.31 17.02 -14.17
CA THR B 151 -3.16 16.69 -13.07
C THR B 151 -4.51 17.29 -13.43
N GLN B 152 -5.52 16.42 -13.59
CA GLN B 152 -6.86 16.92 -13.99
C GLN B 152 -7.45 17.81 -12.90
N GLY B 153 -7.44 17.34 -11.66
CA GLY B 153 -7.95 18.17 -10.56
C GLY B 153 -6.81 18.37 -9.60
N ASP B 154 -6.21 19.56 -9.62
CA ASP B 154 -5.18 19.87 -8.65
C ASP B 154 -5.84 20.34 -7.35
N SER B 155 -5.74 19.51 -6.33
CA SER B 155 -6.46 19.74 -5.07
C SER B 155 -5.79 20.81 -4.19
N SER B 156 -4.55 21.20 -4.51
CA SER B 156 -3.90 22.28 -3.80
C SER B 156 -4.43 23.62 -4.24
N THR B 157 -4.79 23.75 -5.51
CA THR B 157 -5.23 25.03 -6.02
C THR B 157 -6.72 25.04 -6.34
N GLY B 158 -7.37 23.88 -6.29
CA GLY B 158 -8.81 23.78 -6.63
C GLY B 158 -9.09 24.01 -8.12
N VAL B 159 -8.14 23.56 -8.96
CA VAL B 159 -8.16 23.86 -10.40
C VAL B 159 -8.35 22.62 -11.25
N LEU B 160 -9.27 22.74 -12.20
CA LEU B 160 -9.58 21.68 -13.17
C LEU B 160 -8.88 22.00 -14.48
N GLN B 161 -8.03 21.08 -14.91
CA GLN B 161 -7.28 21.22 -16.15
C GLN B 161 -8.08 20.58 -17.27
N GLY B 162 -8.37 21.36 -18.31
CA GLY B 162 -9.02 20.86 -19.55
C GLY B 162 -8.07 19.97 -20.33
N LEU B 163 -8.62 18.93 -20.97
CA LEU B 163 -7.81 17.90 -21.58
C LEU B 163 -8.03 17.63 -23.08
N GLU B 164 -9.10 18.17 -23.67
CA GLU B 164 -9.47 17.82 -25.05
C GLU B 164 -8.40 18.28 -26.00
N GLY B 165 -8.07 17.40 -26.94
CA GLY B 165 -7.02 17.69 -27.92
C GLY B 165 -5.62 17.44 -27.42
N VAL B 166 -5.42 17.34 -26.10
CA VAL B 166 -4.03 17.21 -25.65
C VAL B 166 -3.37 15.87 -25.93
N GLY B 167 -4.07 14.76 -25.69
CA GLY B 167 -3.59 13.45 -26.10
C GLY B 167 -3.32 13.29 -27.60
N ALA B 168 -4.21 13.83 -28.43
CA ALA B 168 -4.05 13.80 -29.89
C ALA B 168 -2.78 14.53 -30.24
N LEU B 169 -2.57 15.69 -29.63
CA LEU B 169 -1.34 16.49 -29.89
C LEU B 169 -0.06 15.77 -29.46
N CYS B 170 -0.05 15.21 -28.24
CA CYS B 170 1.05 14.36 -27.78
C CYS B 170 1.38 13.28 -28.79
N HIS B 171 0.36 12.60 -29.30
CA HIS B 171 0.59 11.52 -30.26
C HIS B 171 1.07 12.02 -31.64
N GLN B 172 0.87 13.30 -31.96
CA GLN B 172 1.55 13.85 -33.14
C GLN B 172 3.06 14.01 -32.87
N HIS B 173 3.49 13.85 -31.61
CA HIS B 173 4.87 14.13 -31.26
C HIS B 173 5.59 13.05 -30.49
N ASN B 174 5.14 11.82 -30.71
CA ASN B 174 5.63 10.61 -30.03
C ASN B 174 5.75 10.83 -28.52
N CYS B 175 4.70 11.40 -27.94
CA CYS B 175 4.71 11.67 -26.51
C CYS B 175 3.56 10.87 -25.89
N LEU B 176 3.80 10.25 -24.72
CA LEU B 176 2.73 9.65 -23.91
C LEU B 176 2.11 10.70 -22.98
N LEU B 177 0.82 10.55 -22.71
CA LEU B 177 0.09 11.44 -21.83
C LEU B 177 -0.33 10.71 -20.53
N ILE B 178 0.22 11.16 -19.41
CA ILE B 178 -0.20 10.65 -18.09
C ILE B 178 -1.04 11.68 -17.39
N VAL B 179 -2.21 11.25 -16.86
CA VAL B 179 -3.14 12.14 -16.16
C VAL B 179 -3.51 11.63 -14.77
N ASP B 180 -3.36 12.49 -13.77
CA ASP B 180 -3.77 12.21 -12.37
C ASP B 180 -5.22 12.62 -12.25
N THR B 181 -6.12 11.67 -11.97
CA THR B 181 -7.51 12.02 -11.69
C THR B 181 -7.97 11.70 -10.23
N VAL B 182 -7.03 11.66 -9.28
CA VAL B 182 -7.36 11.38 -7.86
C VAL B 182 -8.49 12.26 -7.29
N ALA B 183 -8.38 13.59 -7.45
CA ALA B 183 -9.36 14.51 -6.90
C ALA B 183 -10.52 14.82 -7.87
N SER B 184 -10.34 14.51 -9.16
CA SER B 184 -11.32 14.93 -10.17
C SER B 184 -12.29 13.83 -10.63
N LEU B 185 -11.87 12.56 -10.60
CA LEU B 185 -12.75 11.52 -11.11
C LEU B 185 -14.09 11.51 -10.34
N GLY B 186 -15.19 11.54 -11.08
CA GLY B 186 -16.53 11.57 -10.47
C GLY B 186 -17.08 12.95 -10.21
N GLY B 187 -16.24 13.97 -10.34
CA GLY B 187 -16.68 15.32 -10.06
C GLY B 187 -16.47 16.22 -11.26
N ALA B 188 -15.92 15.67 -12.34
CA ALA B 188 -15.72 16.36 -13.62
C ALA B 188 -15.73 15.30 -14.77
N PRO B 189 -16.15 15.69 -15.98
CA PRO B 189 -16.08 14.70 -17.07
C PRO B 189 -14.68 14.12 -17.24
N MET B 190 -14.63 12.82 -17.56
CA MET B 190 -13.40 12.18 -17.95
C MET B 190 -13.71 11.05 -18.90
N PHE B 191 -13.04 11.04 -20.05
CA PHE B 191 -13.21 9.96 -21.01
C PHE B 191 -11.81 9.57 -21.43
N MET B 192 -11.26 8.54 -20.80
CA MET B 192 -9.82 8.28 -20.98
C MET B 192 -9.46 7.99 -22.47
N ASP B 193 -10.21 7.07 -23.09
CA ASP B 193 -9.95 6.60 -24.44
C ASP B 193 -10.25 7.69 -25.42
N ARG B 194 -11.40 8.33 -25.27
CA ARG B 194 -11.76 9.43 -26.17
C ARG B 194 -10.74 10.59 -26.17
N TRP B 195 -10.20 10.88 -24.98
CA TRP B 195 -9.21 11.96 -24.89
C TRP B 195 -7.78 11.48 -25.17
N GLU B 196 -7.64 10.23 -25.61
CA GLU B 196 -6.35 9.65 -25.95
C GLU B 196 -5.32 9.75 -24.79
N ILE B 197 -5.75 9.42 -23.57
CA ILE B 197 -4.87 9.41 -22.41
C ILE B 197 -4.20 8.04 -22.30
N ASP B 198 -2.88 8.04 -22.05
CA ASP B 198 -2.12 6.78 -22.04
C ASP B 198 -1.97 6.11 -20.71
N ALA B 199 -2.00 6.88 -19.62
CA ALA B 199 -1.92 6.30 -18.30
C ALA B 199 -2.70 7.21 -17.37
N MET B 200 -3.45 6.61 -16.44
CA MET B 200 -4.31 7.39 -15.58
C MET B 200 -4.56 6.62 -14.31
N TYR B 201 -4.71 7.35 -13.21
CA TYR B 201 -5.04 6.73 -11.94
C TYR B 201 -6.01 7.64 -11.18
N THR B 202 -6.78 7.10 -10.21
CA THR B 202 -7.49 7.93 -9.22
C THR B 202 -7.20 7.40 -7.84
N GLY B 203 -7.87 8.00 -6.87
CA GLY B 203 -7.70 7.57 -5.48
C GLY B 203 -8.94 6.85 -5.00
N SER B 204 -8.81 6.12 -3.90
CA SER B 204 -9.96 5.40 -3.41
C SER B 204 -10.82 6.29 -2.47
N GLN B 205 -10.20 7.30 -1.83
CA GLN B 205 -10.81 8.02 -0.72
C GLN B 205 -11.43 9.36 -1.03
N VAL B 207 -13.85 11.10 -4.28
CA VAL B 207 -15.26 11.00 -4.66
C VAL B 207 -15.82 9.61 -4.32
N LEU B 208 -15.00 8.56 -4.50
CA LEU B 208 -15.45 7.20 -4.19
C LEU B 208 -15.87 6.96 -2.74
N GLY B 209 -15.15 7.53 -1.78
CA GLY B 209 -15.44 7.33 -0.34
C GLY B 209 -15.08 5.95 0.19
N ALA B 210 -14.23 5.23 -0.55
CA ALA B 210 -13.63 4.01 -0.04
C ALA B 210 -12.53 4.40 0.94
N PRO B 211 -11.99 3.40 1.69
CA PRO B 211 -10.81 3.67 2.52
C PRO B 211 -9.62 4.15 1.65
N PRO B 212 -8.74 5.00 2.20
CA PRO B 212 -7.51 5.23 1.46
C PRO B 212 -6.74 3.91 1.25
N GLY B 213 -5.86 3.88 0.25
CA GLY B 213 -4.84 2.84 0.18
C GLY B 213 -4.81 1.82 -0.93
N ILE B 214 -5.68 1.95 -1.94
CA ILE B 214 -5.67 1.04 -3.12
C ILE B 214 -6.02 1.98 -4.26
N THR B 215 -5.27 1.93 -5.34
CA THR B 215 -5.46 2.95 -6.33
C THR B 215 -5.61 2.41 -7.75
N PRO B 216 -6.82 2.58 -8.33
CA PRO B 216 -7.08 2.20 -9.71
C PRO B 216 -6.16 2.92 -10.69
N VAL B 217 -5.64 2.16 -11.67
CA VAL B 217 -4.78 2.70 -12.75
C VAL B 217 -5.12 2.00 -14.05
N SER B 218 -4.81 2.68 -15.16
CA SER B 218 -4.99 2.10 -16.45
C SER B 218 -3.93 2.60 -17.39
N PHE B 219 -3.46 1.72 -18.28
CA PHE B 219 -2.44 2.04 -19.29
C PHE B 219 -2.98 1.66 -20.70
N SER B 220 -2.82 2.57 -21.66
CA SER B 220 -3.22 2.30 -23.05
C SER B 220 -2.25 1.33 -23.70
N HIS B 221 -2.62 0.88 -24.89
CA HIS B 221 -1.76 0.02 -25.71
C HIS B 221 -0.41 0.73 -26.00
N ARG B 222 -0.48 2.02 -26.34
CA ARG B 222 0.73 2.84 -26.51
C ARG B 222 1.64 2.85 -25.26
N ALA B 223 1.05 2.87 -24.07
CA ALA B 223 1.88 2.84 -22.84
C ALA B 223 2.47 1.45 -22.61
N VAL B 224 1.66 0.41 -22.84
CA VAL B 224 2.17 -0.98 -22.84
C VAL B 224 3.35 -1.18 -23.83
N GLU B 225 3.24 -0.57 -25.01
CA GLU B 225 4.32 -0.62 -26.04
C GLU B 225 5.57 0.07 -25.54
N ARG B 226 5.39 1.20 -24.84
CA ARG B 226 6.53 1.87 -24.25
C ARG B 226 7.23 0.95 -23.23
N TYR B 227 6.44 0.35 -22.33
CA TYR B 227 7.00 -0.61 -21.36
C TYR B 227 7.80 -1.71 -22.10
N LYS B 228 7.18 -2.28 -23.15
CA LYS B 228 7.82 -3.34 -23.94
C LYS B 228 9.13 -2.90 -24.61
N ARG B 229 9.28 -1.63 -24.94
CA ARG B 229 10.55 -1.19 -25.49
C ARG B 229 11.65 -0.79 -24.50
N ARG B 230 11.40 -0.92 -23.20
CA ARG B 230 12.45 -0.67 -22.20
C ARG B 230 13.67 -1.58 -22.38
N ASN B 231 14.85 -1.03 -22.17
CA ASN B 231 16.11 -1.78 -22.08
C ASN B 231 16.47 -2.32 -20.71
N THR B 232 15.86 -1.74 -19.68
CA THR B 232 16.05 -2.23 -18.31
C THR B 232 14.73 -2.46 -17.60
N LYS B 233 14.77 -3.34 -16.60
CA LYS B 233 13.62 -3.66 -15.75
C LYS B 233 13.23 -2.41 -15.00
N VAL B 234 11.93 -2.25 -14.74
CA VAL B 234 11.49 -1.09 -13.98
C VAL B 234 12.13 -1.20 -12.58
N LYS B 235 12.35 -0.05 -11.95
CA LYS B 235 13.18 0.01 -10.72
C LYS B 235 12.48 -0.63 -9.51
N VAL B 236 11.15 -0.69 -9.56
CA VAL B 236 10.40 -1.29 -8.45
C VAL B 236 9.49 -2.45 -8.85
N TYR B 237 9.90 -3.63 -8.40
CA TYR B 237 9.15 -4.87 -8.55
C TYR B 237 7.68 -4.67 -8.18
N TYR B 238 7.46 -3.99 -7.05
CA TYR B 238 6.13 -3.73 -6.47
C TYR B 238 5.23 -2.96 -7.44
N TRP B 239 5.81 -2.11 -8.27
CA TRP B 239 5.01 -1.28 -9.23
C TRP B 239 4.99 -1.83 -10.67
N ASP B 240 5.69 -2.94 -10.92
CA ASP B 240 6.00 -3.36 -12.29
C ASP B 240 4.65 -3.69 -13.00
N MET B 241 4.34 -2.91 -14.04
CA MET B 241 3.02 -3.00 -14.73
C MET B 241 2.71 -4.42 -15.23
N SER B 242 3.72 -5.10 -15.75
CA SER B 242 3.51 -6.41 -16.35
C SER B 242 3.18 -7.44 -15.24
N LEU B 243 3.91 -7.38 -14.13
CA LEU B 243 3.71 -8.31 -13.04
C LEU B 243 2.42 -8.09 -12.26
N VAL B 244 2.07 -6.84 -11.94
CA VAL B 244 0.79 -6.64 -11.25
C VAL B 244 -0.40 -6.82 -12.21
N GLY B 245 -0.21 -6.43 -13.47
CA GLY B 245 -1.17 -6.75 -14.53
C GLY B 245 -1.41 -8.25 -14.65
N ASP B 246 -0.34 -9.04 -14.59
CA ASP B 246 -0.51 -10.51 -14.64
C ASP B 246 -1.31 -11.01 -13.46
N TYR B 247 -0.97 -10.50 -12.26
CA TYR B 247 -1.71 -10.84 -11.03
C TYR B 247 -3.20 -10.48 -11.19
N TRP B 248 -3.46 -9.37 -11.88
CA TRP B 248 -4.83 -8.91 -12.10
C TRP B 248 -5.49 -9.42 -13.40
N GLY B 249 -4.87 -10.40 -14.06
CA GLY B 249 -5.49 -11.10 -15.20
C GLY B 249 -5.63 -10.31 -16.46
N CYS B 250 -4.68 -9.40 -16.72
CA CYS B 250 -4.82 -8.46 -17.83
C CYS B 250 -4.28 -8.91 -19.20
N PHE B 251 -3.26 -9.77 -19.19
CA PHE B 251 -2.48 -10.05 -20.40
C PHE B 251 -2.68 -11.52 -20.79
N GLY B 252 -1.83 -12.14 -21.56
CA GLY B 252 -2.26 -13.57 -21.81
C GLY B 252 -2.21 -14.63 -20.66
N ARG B 253 -1.70 -14.24 -19.50
CA ARG B 253 -0.85 -15.17 -18.76
C ARG B 253 -1.47 -15.77 -17.49
N PRO B 254 -0.86 -16.84 -16.94
CA PRO B 254 -1.31 -17.39 -15.66
C PRO B 254 -1.25 -16.33 -14.57
N ARG B 255 -2.21 -16.36 -13.64
CA ARG B 255 -2.14 -15.48 -12.49
C ARG B 255 -1.13 -16.08 -11.57
N ILE B 256 -0.14 -15.31 -11.17
CA ILE B 256 0.80 -15.85 -10.20
C ILE B 256 0.91 -14.94 -8.96
N TYR B 257 1.68 -15.40 -7.99
CA TYR B 257 1.95 -14.63 -6.80
C TYR B 257 2.78 -13.40 -7.14
N HIS B 258 2.22 -12.22 -6.86
CA HIS B 258 3.00 -10.97 -6.93
C HIS B 258 3.18 -10.40 -5.52
N HIS B 259 2.08 -10.18 -4.84
CA HIS B 259 2.13 -9.77 -3.44
C HIS B 259 0.73 -10.12 -2.88
N THR B 260 0.57 -10.08 -1.56
CA THR B 260 -0.72 -10.32 -0.93
C THR B 260 -1.62 -9.06 -0.97
N ILE B 261 -2.62 -9.02 -1.86
CA ILE B 261 -3.56 -7.86 -1.90
C ILE B 261 -4.30 -7.80 -0.57
N SER B 262 -4.75 -6.61 -0.22
CA SER B 262 -5.49 -6.43 1.03
C SER B 262 -6.97 -6.71 0.76
N SER B 263 -7.48 -7.88 1.14
CA SER B 263 -8.85 -8.14 0.74
C SER B 263 -9.80 -7.15 1.44
N THR B 264 -9.46 -6.71 2.66
CA THR B 264 -10.22 -5.66 3.33
C THR B 264 -10.42 -4.45 2.43
N LEU B 265 -9.34 -3.93 1.86
CA LEU B 265 -9.48 -2.76 1.02
C LEU B 265 -10.20 -3.11 -0.27
N LEU B 266 -10.03 -4.33 -0.78
CA LEU B 266 -10.77 -4.75 -1.96
C LEU B 266 -12.29 -4.65 -1.71
N TYR B 267 -12.70 -5.09 -0.51
CA TYR B 267 -14.13 -5.12 -0.14
C TYR B 267 -14.70 -3.71 -0.15
N GLY B 268 -14.06 -2.79 0.57
CA GLY B 268 -14.52 -1.39 0.58
C GLY B 268 -14.53 -0.72 -0.81
N LEU B 269 -13.45 -0.93 -1.57
CA LEU B 269 -13.35 -0.36 -2.91
C LEU B 269 -14.41 -0.96 -3.83
N ARG B 270 -14.58 -2.28 -3.83
CA ARG B 270 -15.59 -2.90 -4.67
C ARG B 270 -16.96 -2.29 -4.36
N GLU B 271 -17.32 -2.26 -3.07
CA GLU B 271 -18.60 -1.65 -2.71
C GLU B 271 -18.66 -0.18 -3.08
N ALA B 272 -17.59 0.59 -2.84
CA ALA B 272 -17.61 2.01 -3.22
C ALA B 272 -17.85 2.19 -4.73
N ILE B 273 -17.14 1.39 -5.51
CA ILE B 273 -17.24 1.43 -6.97
C ILE B 273 -18.65 0.97 -7.45
N ALA B 274 -19.21 -0.07 -6.83
CA ALA B 274 -20.58 -0.49 -7.19
C ALA B 274 -21.57 0.64 -6.95
N MET B 275 -21.42 1.35 -5.83
CA MET B 275 -22.29 2.50 -5.56
C MET B 275 -22.18 3.59 -6.62
N ALA B 276 -20.97 3.89 -7.07
CA ALA B 276 -20.74 4.94 -8.03
C ALA B 276 -21.31 4.54 -9.40
N CYS B 277 -21.11 3.28 -9.78
CA CYS B 277 -21.58 2.78 -11.09
C CYS B 277 -23.10 2.75 -11.11
N GLU B 278 -23.72 2.45 -9.96
CA GLU B 278 -25.18 2.48 -9.82
C GLU B 278 -25.75 3.90 -9.95
N GLU B 279 -25.10 4.91 -9.38
CA GLU B 279 -25.51 6.28 -9.65
C GLU B 279 -25.20 6.67 -11.12
N GLY B 280 -24.10 6.16 -11.70
CA GLY B 280 -23.79 6.46 -13.08
C GLY B 280 -23.04 7.78 -13.18
N LEU B 281 -22.13 7.90 -14.15
CA LEU B 281 -21.32 9.11 -14.25
C LEU B 281 -22.10 10.41 -14.46
N PRO B 282 -23.09 10.44 -15.41
CA PRO B 282 -23.76 11.71 -15.64
C PRO B 282 -24.38 12.29 -14.33
N ALA B 283 -25.09 11.49 -13.56
CA ALA B 283 -25.68 11.98 -12.31
C ALA B 283 -24.59 12.29 -11.25
N LEU B 284 -23.59 11.39 -11.15
CA LEU B 284 -22.50 11.57 -10.18
C LEU B 284 -21.76 12.88 -10.42
N ILE B 285 -21.29 13.13 -11.65
CA ILE B 285 -20.57 14.38 -11.89
C ILE B 285 -21.48 15.59 -11.71
N ALA B 286 -22.75 15.49 -12.12
CA ALA B 286 -23.66 16.64 -12.03
C ALA B 286 -23.92 16.96 -10.58
N ARG B 287 -24.03 15.93 -9.74
CA ARG B 287 -24.26 16.18 -8.30
C ARG B 287 -23.11 16.99 -7.64
N HIS B 288 -21.87 16.63 -7.94
CA HIS B 288 -20.69 17.34 -7.39
C HIS B 288 -20.62 18.74 -7.96
N GLU B 289 -20.82 18.87 -9.29
CA GLU B 289 -20.86 20.21 -9.92
C GLU B 289 -21.95 21.10 -9.30
N ASP B 290 -23.12 20.52 -9.02
CA ASP B 290 -24.22 21.33 -8.49
C ASP B 290 -23.99 21.74 -7.03
N CYS B 291 -23.37 20.86 -6.24
CA CYS B 291 -23.08 21.18 -4.84
C CYS B 291 -22.03 22.28 -4.81
N ALA B 292 -21.02 22.19 -5.70
CA ALA B 292 -19.96 23.21 -5.77
C ALA B 292 -20.58 24.58 -6.03
N LYS B 293 -21.56 24.61 -6.96
CA LYS B 293 -22.24 25.84 -7.34
C LYS B 293 -23.02 26.39 -6.12
N ARG B 294 -23.74 25.54 -5.40
CA ARG B 294 -24.36 25.95 -4.13
C ARG B 294 -23.33 26.52 -3.13
N LEU B 295 -22.18 25.85 -2.99
CA LEU B 295 -21.11 26.34 -2.12
C LEU B 295 -20.62 27.69 -2.56
N TYR B 296 -20.33 27.87 -3.86
CA TYR B 296 -19.81 29.18 -4.35
C TYR B 296 -20.75 30.31 -3.99
N ARG B 297 -22.04 30.04 -4.08
CA ARG B 297 -23.05 31.07 -3.88
C ARG B 297 -23.05 31.46 -2.40
N GLY B 298 -23.04 30.47 -1.52
CA GLY B 298 -23.00 30.69 -0.08
C GLY B 298 -21.72 31.43 0.35
N LEU B 299 -20.58 30.99 -0.18
CA LEU B 299 -19.30 31.64 0.15
C LEU B 299 -19.27 33.08 -0.33
N GLN B 300 -19.71 33.29 -1.56
CA GLN B 300 -19.63 34.61 -2.16
C GLN B 300 -20.66 35.57 -1.54
N ASP B 301 -21.84 35.06 -1.20
CA ASP B 301 -22.80 35.85 -0.42
C ASP B 301 -22.21 36.31 0.91
N ALA B 302 -21.34 35.51 1.52
CA ALA B 302 -20.84 35.82 2.86
C ALA B 302 -19.60 36.69 2.82
N GLY B 303 -19.20 37.11 1.62
CA GLY B 303 -18.07 38.01 1.45
C GLY B 303 -16.73 37.31 1.25
N PHE B 304 -16.75 35.98 1.07
CA PHE B 304 -15.50 35.27 0.87
C PHE B 304 -15.06 35.35 -0.58
N GLU B 305 -13.74 35.31 -0.78
CA GLU B 305 -13.14 35.38 -2.11
C GLU B 305 -12.53 34.04 -2.50
N LEU B 306 -12.90 33.51 -3.65
CA LEU B 306 -12.34 32.23 -4.11
C LEU B 306 -10.98 32.38 -4.81
N TYR B 307 -10.10 31.40 -4.56
CA TYR B 307 -8.74 31.42 -5.09
C TYR B 307 -8.68 31.14 -6.60
N ALA B 308 -9.41 30.14 -7.09
CA ALA B 308 -9.23 29.73 -8.49
C ALA B 308 -9.99 30.65 -9.43
N ASP B 309 -9.49 30.78 -10.67
CA ASP B 309 -10.19 31.51 -11.70
C ASP B 309 -11.57 30.90 -11.96
N PRO B 310 -12.63 31.72 -12.01
CA PRO B 310 -13.96 31.12 -12.16
C PRO B 310 -14.09 30.15 -13.35
N LYS B 311 -13.25 30.28 -14.36
CA LYS B 311 -13.34 29.41 -15.53
C LYS B 311 -12.67 28.04 -15.30
N ASP B 312 -11.88 27.94 -14.22
CA ASP B 312 -10.97 26.82 -14.01
C ASP B 312 -11.24 25.99 -12.74
N ARG B 313 -12.42 26.10 -12.18
CA ARG B 313 -12.69 25.56 -10.85
C ARG B 313 -12.97 24.06 -10.83
N LEU B 314 -12.39 23.37 -9.86
CA LEU B 314 -12.66 21.94 -9.68
C LEU B 314 -13.81 21.76 -8.68
N SER B 315 -14.92 21.10 -9.05
CA SER B 315 -16.08 20.98 -8.15
C SER B 315 -15.71 20.38 -6.80
N THR B 316 -14.82 19.40 -6.81
CA THR B 316 -14.53 18.62 -5.59
C THR B 316 -13.68 19.30 -4.52
N VAL B 317 -12.88 20.29 -4.91
CA VAL B 317 -12.02 20.95 -3.94
C VAL B 317 -12.05 22.43 -4.19
N THR B 318 -12.61 23.18 -3.23
CA THR B 318 -12.76 24.65 -3.35
C THR B 318 -11.75 25.37 -2.48
N THR B 319 -10.90 26.18 -3.11
CA THR B 319 -9.86 26.93 -2.40
C THR B 319 -10.42 28.32 -2.16
N ILE B 320 -10.31 28.76 -0.92
CA ILE B 320 -10.89 30.02 -0.58
C ILE B 320 -9.80 30.87 0.12
N LYS B 321 -9.62 32.11 -0.32
CA LYS B 321 -8.60 32.97 0.29
C LYS B 321 -8.86 33.17 1.79
N VAL B 322 -7.82 33.00 2.60
CA VAL B 322 -7.90 33.30 4.03
C VAL B 322 -8.05 34.82 4.22
N PRO B 323 -9.18 35.27 4.82
CA PRO B 323 -9.42 36.70 4.96
C PRO B 323 -8.36 37.38 5.79
N GLN B 324 -8.10 38.64 5.46
CA GLN B 324 -7.14 39.41 6.23
C GLN B 324 -7.52 39.34 7.70
N GLY B 325 -6.55 39.04 8.54
CA GLY B 325 -6.84 39.00 9.96
C GLY B 325 -7.07 37.62 10.55
N VAL B 326 -7.46 36.65 9.71
CA VAL B 326 -7.78 35.33 10.29
C VAL B 326 -6.62 34.32 10.31
N ASP B 327 -6.52 33.66 11.47
CA ASP B 327 -5.61 32.56 11.70
C ASP B 327 -6.37 31.33 11.19
N TRP B 328 -5.92 30.76 10.07
CA TRP B 328 -6.71 29.71 9.44
C TRP B 328 -6.73 28.49 10.37
N LEU B 329 -5.60 28.24 11.04
CA LEU B 329 -5.46 27.04 11.87
C LEU B 329 -6.36 27.14 13.10
N LYS B 330 -6.49 28.34 13.67
CA LYS B 330 -7.44 28.56 14.78
C LYS B 330 -8.87 28.33 14.35
N ALA B 331 -9.23 28.81 13.15
CA ALA B 331 -10.56 28.65 12.59
C ALA B 331 -10.87 27.17 12.43
N ALA B 332 -9.90 26.43 11.87
CA ALA B 332 -10.00 24.98 11.69
C ALA B 332 -10.20 24.26 13.04
N GLN B 333 -9.41 24.64 14.04
CA GLN B 333 -9.51 23.98 15.35
C GLN B 333 -10.85 24.29 16.00
N TYR B 334 -11.32 25.51 15.85
CA TYR B 334 -12.65 25.89 16.37
C TYR B 334 -13.75 25.01 15.76
N ALA B 335 -13.74 24.83 14.45
CA ALA B 335 -14.79 24.02 13.80
C ALA B 335 -14.72 22.57 14.27
N MET B 336 -13.51 22.03 14.46
CA MET B 336 -13.33 20.63 14.88
C MET B 336 -13.74 20.42 16.34
N LYS B 337 -13.25 21.27 17.24
CA LYS B 337 -13.58 21.11 18.68
C LYS B 337 -15.07 21.31 18.89
N THR B 338 -15.68 22.24 18.17
CA THR B 338 -17.08 22.53 18.50
C THR B 338 -18.06 21.61 17.78
N TYR B 339 -17.76 21.28 16.52
CA TYR B 339 -18.71 20.52 15.68
C TYR B 339 -18.22 19.16 15.14
N LEU B 340 -16.96 18.80 15.41
CA LEU B 340 -16.38 17.63 14.75
C LEU B 340 -16.53 17.69 13.20
N VAL B 341 -16.46 18.91 12.65
CA VAL B 341 -16.29 19.08 11.22
C VAL B 341 -14.91 19.63 10.82
N GLU B 342 -14.34 18.98 9.80
CA GLU B 342 -12.98 19.27 9.34
C GLU B 342 -13.06 20.31 8.24
N ILE B 343 -12.39 21.45 8.45
CA ILE B 343 -12.10 22.32 7.33
C ILE B 343 -10.57 22.42 7.26
N SER B 344 -10.05 22.50 6.05
CA SER B 344 -8.63 22.38 5.83
C SER B 344 -7.97 23.67 5.41
N GLY B 345 -6.65 23.73 5.56
CA GLY B 345 -5.86 24.82 5.00
C GLY B 345 -5.38 24.38 3.63
N GLY B 346 -4.24 24.92 3.21
CA GLY B 346 -3.79 24.74 1.83
C GLY B 346 -2.72 23.67 1.70
N LEU B 347 -2.07 23.63 0.54
CA LEU B 347 -1.12 22.57 0.25
C LEU B 347 -0.07 23.15 -0.71
N GLY B 348 1.22 22.92 -0.45
CA GLY B 348 2.27 23.32 -1.41
C GLY B 348 2.24 24.83 -1.64
N PRO B 349 2.01 25.28 -2.89
CA PRO B 349 2.09 26.74 -3.12
C PRO B 349 0.99 27.54 -2.41
N THR B 350 -0.11 26.88 -2.03
CA THR B 350 -1.20 27.56 -1.30
C THR B 350 -1.13 27.35 0.23
N ALA B 351 -0.07 26.72 0.73
CA ALA B 351 0.00 26.48 2.19
C ALA B 351 -0.07 27.82 2.91
N GLY B 352 -0.95 27.92 3.90
CA GLY B 352 -1.07 29.15 4.66
C GLY B 352 -1.87 30.26 3.99
N GLN B 353 -2.27 30.09 2.73
CA GLN B 353 -2.92 31.15 1.96
C GLN B 353 -4.42 30.91 1.74
N VAL B 354 -4.85 29.66 1.87
CA VAL B 354 -6.26 29.33 1.57
C VAL B 354 -6.86 28.37 2.58
N PHE B 355 -8.19 28.29 2.59
CA PHE B 355 -8.88 27.13 3.14
C PHE B 355 -9.25 26.27 1.94
N ARG B 356 -9.41 24.96 2.15
CA ARG B 356 -9.96 24.08 1.13
C ARG B 356 -11.12 23.27 1.70
N ILE B 357 -12.26 23.42 1.07
CA ILE B 357 -13.45 22.65 1.36
C ILE B 357 -13.65 21.63 0.23
N GLY B 358 -13.71 20.37 0.64
CA GLY B 358 -13.98 19.25 -0.28
C GLY B 358 -15.46 18.89 -0.32
N LEU B 359 -16.00 18.71 -1.52
CA LEU B 359 -17.35 18.17 -1.68
C LEU B 359 -17.16 16.90 -2.47
N MET B 360 -17.22 15.76 -1.79
CA MET B 360 -16.80 14.48 -2.35
C MET B 360 -17.70 13.36 -1.81
N GLY B 361 -18.31 12.63 -2.74
CA GLY B 361 -18.99 11.37 -2.41
C GLY B 361 -20.16 11.57 -1.47
N GLN B 362 -20.11 10.92 -0.31
CA GLN B 362 -21.17 11.10 0.72
C GLN B 362 -21.39 12.57 1.11
N ASN B 363 -20.34 13.38 0.94
CA ASN B 363 -20.37 14.76 1.40
C ASN B 363 -20.88 15.73 0.34
N ALA B 364 -21.05 15.27 -0.90
CA ALA B 364 -21.56 16.17 -1.94
C ALA B 364 -23.09 16.09 -1.93
N THR B 365 -23.71 16.66 -0.87
CA THR B 365 -25.17 16.78 -0.80
C THR B 365 -25.52 18.21 -0.40
N THR B 366 -26.76 18.61 -0.67
CA THR B 366 -27.14 19.99 -0.32
C THR B 366 -27.11 20.18 1.21
N GLU B 367 -27.48 19.15 1.96
CA GLU B 367 -27.38 19.19 3.42
C GLU B 367 -25.95 19.39 3.93
N ARG B 368 -25.00 18.67 3.36
CA ARG B 368 -23.61 18.85 3.82
C ARG B 368 -22.96 20.15 3.31
N VAL B 369 -23.38 20.60 2.14
CA VAL B 369 -22.99 21.95 1.70
C VAL B 369 -23.44 23.00 2.73
N ASP B 370 -24.72 22.93 3.10
CA ASP B 370 -25.26 23.87 4.07
C ASP B 370 -24.55 23.79 5.44
N ARG B 371 -24.29 22.58 5.90
CA ARG B 371 -23.60 22.37 7.17
C ARG B 371 -22.19 22.99 7.15
N VAL B 372 -21.41 22.73 6.09
CA VAL B 372 -20.04 23.26 6.04
C VAL B 372 -20.05 24.77 5.88
N LEU B 373 -20.98 25.29 5.06
CA LEU B 373 -21.16 26.74 4.93
C LEU B 373 -21.39 27.39 6.29
N GLN B 374 -22.35 26.84 7.03
CA GLN B 374 -22.69 27.31 8.40
C GLN B 374 -21.44 27.24 9.32
N VAL B 375 -20.84 26.06 9.47
CA VAL B 375 -19.68 25.97 10.39
C VAL B 375 -18.42 26.70 9.94
N PHE B 376 -18.16 26.75 8.64
CA PHE B 376 -17.01 27.53 8.16
C PHE B 376 -17.22 28.99 8.56
N GLN B 377 -18.40 29.50 8.24
CA GLN B 377 -18.76 30.88 8.58
C GLN B 377 -18.61 31.20 10.07
N GLU B 378 -19.13 30.34 10.93
CA GLU B 378 -18.98 30.57 12.37
C GLU B 378 -17.54 30.52 12.87
N ALA B 379 -16.77 29.58 12.37
CA ALA B 379 -15.39 29.41 12.78
C ALA B 379 -14.56 30.59 12.40
N VAL B 380 -14.71 31.08 11.18
CA VAL B 380 -14.01 32.30 10.77
C VAL B 380 -14.50 33.50 11.60
N ALA B 381 -15.83 33.61 11.80
CA ALA B 381 -16.35 34.72 12.62
C ALA B 381 -15.79 34.64 14.05
N ALA B 382 -15.72 33.44 14.62
CA ALA B 382 -15.21 33.23 15.99
C ALA B 382 -13.74 33.66 16.19
N VAL B 383 -12.90 33.55 15.18
CA VAL B 383 -11.49 33.92 15.36
C VAL B 383 -11.08 35.28 14.76
N LYS B 384 -11.97 35.94 14.05
CA LYS B 384 -11.66 37.20 13.39
C LYS B 384 -11.56 38.37 14.40
N PRO B 385 -10.51 39.23 14.27
CA PRO B 385 -10.44 40.47 15.07
C PRO B 385 -11.70 41.33 14.89
#